data_2K1L
#
_entry.id   2K1L
#
_entity_poly.entity_id   1
_entity_poly.type   'polypeptide(L)'
_entity_poly.pdbx_seq_one_letter_code
;SPPVSRGLTGGEIVAVIFGLLLGAALLLGILVFRSRRA
;
_entity_poly.pdbx_strand_id   A,B
#
# COMPACT_ATOMS: atom_id res chain seq x y z
N SER A 1 16.70 -7.73 -7.05
CA SER A 1 16.59 -9.18 -7.12
C SER A 1 15.66 -9.71 -6.02
N PRO A 2 15.15 -10.94 -6.21
CA PRO A 2 14.25 -11.57 -5.26
C PRO A 2 14.94 -11.95 -3.96
N PRO A 3 14.15 -12.30 -2.94
CA PRO A 3 14.66 -12.70 -1.63
C PRO A 3 15.39 -14.04 -1.67
N VAL A 4 14.74 -15.05 -2.26
CA VAL A 4 15.32 -16.37 -2.38
C VAL A 4 14.81 -17.10 -3.61
N SER A 5 15.37 -16.76 -4.77
CA SER A 5 14.96 -17.38 -6.03
C SER A 5 13.44 -17.31 -6.21
N ARG A 6 12.98 -16.21 -6.79
CA ARG A 6 11.55 -16.02 -7.02
C ARG A 6 11.29 -15.50 -8.43
N GLY A 7 11.58 -14.22 -8.65
CA GLY A 7 11.36 -13.63 -9.95
C GLY A 7 10.13 -12.75 -10.01
N LEU A 8 10.34 -11.45 -10.14
CA LEU A 8 9.23 -10.50 -10.19
C LEU A 8 9.14 -9.86 -11.57
N THR A 9 8.15 -8.99 -11.76
CA THR A 9 7.94 -8.30 -13.02
C THR A 9 7.37 -6.91 -12.81
N GLY A 10 7.39 -6.10 -13.86
CA GLY A 10 6.87 -4.75 -13.77
C GLY A 10 5.37 -4.72 -13.53
N GLY A 11 4.72 -5.86 -13.76
CA GLY A 11 3.28 -5.94 -13.56
C GLY A 11 2.92 -6.38 -12.16
N GLU A 12 3.81 -6.13 -11.21
CA GLU A 12 3.57 -6.52 -9.82
C GLU A 12 3.72 -5.30 -8.90
N ILE A 13 4.67 -4.44 -9.21
CA ILE A 13 4.92 -3.26 -8.40
C ILE A 13 3.72 -2.30 -8.45
N VAL A 14 2.95 -2.39 -9.52
CA VAL A 14 1.77 -1.54 -9.69
C VAL A 14 0.81 -1.72 -8.51
N ALA A 15 0.79 -2.92 -7.94
CA ALA A 15 -0.09 -3.22 -6.82
C ALA A 15 0.37 -2.50 -5.55
N VAL A 16 1.69 -2.47 -5.34
CA VAL A 16 2.26 -1.81 -4.17
C VAL A 16 1.83 -0.35 -4.11
N ILE A 17 2.22 0.43 -5.11
CA ILE A 17 1.88 1.84 -5.16
C ILE A 17 0.37 2.04 -5.10
N PHE A 18 -0.37 1.13 -5.72
CA PHE A 18 -1.83 1.20 -5.73
C PHE A 18 -2.38 1.25 -4.31
N GLY A 19 -2.16 0.17 -3.56
CA GLY A 19 -2.66 0.11 -2.19
C GLY A 19 -1.90 1.06 -1.27
N LEU A 20 -0.69 1.44 -1.67
CA LEU A 20 0.12 2.34 -0.87
C LEU A 20 -0.50 3.73 -0.80
N LEU A 21 -0.63 4.36 -1.96
CA LEU A 21 -1.21 5.70 -2.04
C LEU A 21 -2.69 5.67 -1.71
N LEU A 22 -3.43 4.82 -2.41
CA LEU A 22 -4.87 4.69 -2.19
C LEU A 22 -5.16 4.28 -0.74
N GLY A 23 -4.21 3.58 -0.13
CA GLY A 23 -4.37 3.14 1.24
C GLY A 23 -4.29 4.28 2.24
N ALA A 24 -3.26 5.10 2.09
CA ALA A 24 -3.07 6.24 2.98
C ALA A 24 -4.20 7.25 2.85
N ALA A 25 -4.48 7.66 1.62
CA ALA A 25 -5.55 8.61 1.35
C ALA A 25 -6.88 8.12 1.88
N LEU A 26 -7.21 6.86 1.56
CA LEU A 26 -8.46 6.26 2.00
C LEU A 26 -8.49 6.11 3.52
N LEU A 27 -7.52 5.38 4.06
CA LEU A 27 -7.43 5.17 5.50
C LEU A 27 -7.49 6.50 6.25
N LEU A 28 -6.54 7.38 5.95
CA LEU A 28 -6.48 8.69 6.60
C LEU A 28 -7.83 9.39 6.52
N GLY A 29 -8.52 9.23 5.39
CA GLY A 29 -9.81 9.85 5.21
C GLY A 29 -10.83 9.39 6.24
N ILE A 30 -11.01 8.08 6.34
CA ILE A 30 -11.96 7.51 7.29
C ILE A 30 -11.53 7.80 8.73
N LEU A 31 -10.22 7.75 8.97
CA LEU A 31 -9.69 8.01 10.30
C LEU A 31 -10.09 9.39 10.80
N VAL A 32 -10.10 10.36 9.89
CA VAL A 32 -10.47 11.73 10.24
C VAL A 32 -11.99 11.88 10.32
N PHE A 33 -12.69 11.36 9.31
CA PHE A 33 -14.14 11.45 9.26
C PHE A 33 -14.77 10.68 10.43
N ARG A 34 -13.98 9.81 11.04
CA ARG A 34 -14.46 9.02 12.17
C ARG A 34 -15.01 9.91 13.27
N SER A 35 -14.14 10.73 13.85
CA SER A 35 -14.55 11.64 14.93
C SER A 35 -13.58 12.81 15.04
N ARG A 36 -12.86 13.08 13.94
CA ARG A 36 -11.90 14.18 13.92
C ARG A 36 -12.37 15.30 12.99
N ARG A 37 -13.62 15.23 12.58
CA ARG A 37 -14.20 16.23 11.70
C ARG A 37 -14.18 17.60 12.35
N ALA A 38 -14.11 18.64 11.52
CA ALA A 38 -14.08 20.01 12.02
C ALA A 38 -15.33 20.78 11.57
N SER B 1 -6.98 -5.45 -18.08
CA SER B 1 -6.25 -6.43 -17.29
C SER B 1 -7.13 -7.63 -16.97
N PRO B 2 -6.49 -8.75 -16.60
CA PRO B 2 -7.19 -9.99 -16.27
C PRO B 2 -7.96 -9.89 -14.96
N PRO B 3 -8.83 -10.86 -14.70
CA PRO B 3 -9.63 -10.91 -13.48
C PRO B 3 -8.80 -11.20 -12.23
N VAL B 4 -8.62 -12.48 -11.94
CA VAL B 4 -7.84 -12.90 -10.78
C VAL B 4 -7.38 -14.34 -10.92
N SER B 5 -7.31 -14.82 -12.16
CA SER B 5 -6.88 -16.19 -12.43
C SER B 5 -5.92 -16.24 -13.61
N ARG B 6 -6.18 -15.41 -14.62
CA ARG B 6 -5.35 -15.35 -15.80
C ARG B 6 -3.87 -15.28 -15.43
N GLY B 7 -3.45 -14.13 -14.90
CA GLY B 7 -2.08 -13.95 -14.50
C GLY B 7 -1.94 -13.51 -13.06
N LEU B 8 -2.98 -13.74 -12.27
CA LEU B 8 -2.96 -13.37 -10.86
C LEU B 8 -2.66 -14.56 -9.97
N THR B 9 -1.94 -14.32 -8.88
CA THR B 9 -1.59 -15.39 -7.95
C THR B 9 -1.51 -14.87 -6.52
N GLY B 10 -1.54 -15.78 -5.56
CA GLY B 10 -1.48 -15.40 -4.16
C GLY B 10 -0.17 -14.72 -3.81
N GLY B 11 0.82 -14.84 -4.70
CA GLY B 11 2.12 -14.24 -4.46
C GLY B 11 2.21 -12.83 -5.02
N GLU B 12 1.06 -12.18 -5.17
CA GLU B 12 1.02 -10.82 -5.72
C GLU B 12 0.27 -9.89 -4.78
N ILE B 13 -0.83 -10.39 -4.20
CA ILE B 13 -1.65 -9.61 -3.29
C ILE B 13 -0.87 -9.27 -2.02
N VAL B 14 0.12 -10.09 -1.70
CA VAL B 14 0.95 -9.87 -0.51
C VAL B 14 1.63 -8.51 -0.56
N ALA B 15 1.94 -8.05 -1.77
CA ALA B 15 2.59 -6.76 -1.95
C ALA B 15 1.64 -5.61 -1.65
N VAL B 16 0.36 -5.83 -1.91
CA VAL B 16 -0.66 -4.81 -1.66
C VAL B 16 -0.76 -4.48 -0.17
N ILE B 17 -1.20 -5.46 0.61
CA ILE B 17 -1.34 -5.29 2.05
C ILE B 17 -0.04 -4.81 2.68
N PHE B 18 1.08 -5.34 2.19
CA PHE B 18 2.40 -4.96 2.70
C PHE B 18 2.60 -3.46 2.62
N GLY B 19 2.62 -2.93 1.41
CA GLY B 19 2.81 -1.51 1.22
C GLY B 19 1.65 -0.69 1.77
N LEU B 20 0.50 -1.34 1.95
CA LEU B 20 -0.68 -0.66 2.47
C LEU B 20 -0.50 -0.29 3.93
N LEU B 21 -0.23 -1.28 4.76
CA LEU B 21 -0.02 -1.05 6.19
C LEU B 21 1.27 -0.30 6.44
N LEU B 22 2.38 -0.82 5.90
CA LEU B 22 3.67 -0.18 6.06
C LEU B 22 3.69 1.20 5.44
N GLY B 23 2.82 1.42 4.45
CA GLY B 23 2.74 2.71 3.79
C GLY B 23 2.11 3.77 4.66
N ALA B 24 0.98 3.42 5.27
CA ALA B 24 0.26 4.36 6.13
C ALA B 24 1.07 4.68 7.39
N ALA B 25 1.53 3.63 8.08
CA ALA B 25 2.32 3.81 9.29
C ALA B 25 3.56 4.65 9.02
N LEU B 26 4.29 4.30 7.96
CA LEU B 26 5.50 5.01 7.59
C LEU B 26 5.19 6.44 7.17
N LEU B 27 4.35 6.59 6.15
CA LEU B 27 3.96 7.90 5.66
C LEU B 27 3.46 8.79 6.80
N LEU B 28 2.42 8.34 7.48
CA LEU B 28 1.85 9.08 8.59
C LEU B 28 2.93 9.49 9.58
N GLY B 29 3.89 8.60 9.80
CA GLY B 29 4.98 8.89 10.73
C GLY B 29 5.78 10.11 10.31
N ILE B 30 6.28 10.10 9.09
CA ILE B 30 7.06 11.21 8.57
C ILE B 30 6.23 12.48 8.47
N LEU B 31 4.97 12.33 8.09
CA LEU B 31 4.07 13.45 7.95
C LEU B 31 3.93 14.21 9.27
N VAL B 32 3.93 13.46 10.37
CA VAL B 32 3.80 14.05 11.70
C VAL B 32 5.14 14.62 12.16
N PHE B 33 6.21 13.84 11.99
CA PHE B 33 7.54 14.26 12.39
C PHE B 33 7.98 15.50 11.60
N ARG B 34 7.35 15.72 10.46
CA ARG B 34 7.68 16.85 9.61
C ARG B 34 7.65 18.15 10.40
N SER B 35 6.47 18.50 10.90
CA SER B 35 6.30 19.73 11.67
C SER B 35 5.06 19.64 12.56
N ARG B 36 4.63 18.42 12.86
CA ARG B 36 3.46 18.19 13.70
C ARG B 36 3.86 17.56 15.03
N ARG B 37 5.16 17.55 15.31
CA ARG B 37 5.66 16.98 16.55
C ARG B 37 5.07 17.68 17.77
N ALA B 38 4.88 16.93 18.84
CA ALA B 38 4.31 17.48 20.07
C ALA B 38 2.98 18.17 19.79
N SER A 1 19.60 -13.83 2.47
CA SER A 1 19.16 -14.28 1.16
C SER A 1 17.77 -14.89 1.24
N PRO A 2 17.09 -14.97 0.08
CA PRO A 2 15.74 -15.52 -0.01
C PRO A 2 15.71 -17.04 0.22
N PRO A 3 14.51 -17.59 0.40
CA PRO A 3 14.32 -19.03 0.63
C PRO A 3 14.63 -19.86 -0.61
N VAL A 4 14.07 -19.46 -1.74
CA VAL A 4 14.29 -20.16 -3.01
C VAL A 4 14.50 -19.18 -4.15
N SER A 5 14.45 -19.69 -5.38
CA SER A 5 14.64 -18.86 -6.56
C SER A 5 13.41 -17.99 -6.82
N ARG A 6 13.26 -16.94 -6.03
CA ARG A 6 12.14 -16.03 -6.17
C ARG A 6 11.99 -15.57 -7.61
N GLY A 7 10.84 -14.98 -7.92
CA GLY A 7 10.59 -14.51 -9.28
C GLY A 7 9.42 -13.54 -9.35
N LEU A 8 9.72 -12.28 -9.63
CA LEU A 8 8.68 -11.25 -9.71
C LEU A 8 8.63 -10.67 -11.12
N THR A 9 7.69 -9.73 -11.33
CA THR A 9 7.53 -9.09 -12.63
C THR A 9 7.05 -7.65 -12.48
N GLY A 10 7.14 -6.89 -13.56
CA GLY A 10 6.72 -5.51 -13.53
C GLY A 10 5.22 -5.37 -13.29
N GLY A 11 4.49 -6.46 -13.46
CA GLY A 11 3.06 -6.44 -13.27
C GLY A 11 2.66 -6.79 -11.85
N GLU A 12 3.57 -6.57 -10.91
CA GLU A 12 3.31 -6.86 -9.51
C GLU A 12 3.54 -5.62 -8.63
N ILE A 13 4.55 -4.85 -8.99
CA ILE A 13 4.87 -3.63 -8.24
C ILE A 13 3.76 -2.60 -8.35
N VAL A 14 2.99 -2.69 -9.43
CA VAL A 14 1.89 -1.75 -9.66
C VAL A 14 0.89 -1.81 -8.51
N ALA A 15 0.76 -2.98 -7.89
CA ALA A 15 -0.16 -3.16 -6.77
C ALA A 15 0.34 -2.43 -5.53
N VAL A 16 1.66 -2.41 -5.35
CA VAL A 16 2.26 -1.74 -4.20
C VAL A 16 1.88 -0.27 -4.17
N ILE A 17 2.36 0.48 -5.15
CA ILE A 17 2.07 1.91 -5.24
C ILE A 17 0.57 2.18 -5.20
N PHE A 18 -0.19 1.32 -5.89
CA PHE A 18 -1.64 1.47 -5.93
C PHE A 18 -2.23 1.48 -4.52
N GLY A 19 -2.07 0.37 -3.81
CA GLY A 19 -2.59 0.27 -2.46
C GLY A 19 -1.88 1.19 -1.49
N LEU A 20 -0.68 1.65 -1.87
CA LEU A 20 0.10 2.55 -1.04
C LEU A 20 -0.53 3.93 -0.98
N LEU A 21 -0.70 4.55 -2.15
CA LEU A 21 -1.29 5.88 -2.24
C LEU A 21 -2.76 5.85 -1.85
N LEU A 22 -3.52 4.95 -2.48
CA LEU A 22 -4.94 4.82 -2.20
C LEU A 22 -5.17 4.36 -0.75
N GLY A 23 -4.19 3.65 -0.21
CA GLY A 23 -4.30 3.16 1.15
C GLY A 23 -4.23 4.28 2.17
N ALA A 24 -3.24 5.16 2.02
CA ALA A 24 -3.07 6.28 2.94
C ALA A 24 -4.22 7.27 2.82
N ALA A 25 -4.52 7.68 1.59
CA ALA A 25 -5.60 8.62 1.33
C ALA A 25 -6.92 8.10 1.89
N LEU A 26 -7.24 6.85 1.56
CA LEU A 26 -8.48 6.23 2.01
C LEU A 26 -8.48 6.08 3.53
N LEU A 27 -7.49 5.36 4.05
CA LEU A 27 -7.38 5.14 5.48
C LEU A 27 -7.45 6.45 6.25
N LEU A 28 -6.53 7.36 5.94
CA LEU A 28 -6.49 8.66 6.60
C LEU A 28 -7.86 9.33 6.56
N GLY A 29 -8.55 9.16 5.44
CA GLY A 29 -9.87 9.76 5.28
C GLY A 29 -10.85 9.26 6.32
N ILE A 30 -11.00 7.95 6.41
CA ILE A 30 -11.91 7.34 7.37
C ILE A 30 -11.47 7.61 8.81
N LEU A 31 -10.17 7.60 9.02
CA LEU A 31 -9.61 7.85 10.36
C LEU A 31 -10.03 9.21 10.88
N VAL A 32 -10.09 10.19 9.98
CA VAL A 32 -10.49 11.55 10.35
C VAL A 32 -12.00 11.67 10.46
N PHE A 33 -12.70 11.15 9.45
CA PHE A 33 -14.16 11.20 9.43
C PHE A 33 -14.74 10.41 10.60
N ARG A 34 -13.92 9.54 11.19
CA ARG A 34 -14.36 8.73 12.31
C ARG A 34 -14.90 9.59 13.44
N SER A 35 -14.03 10.41 14.03
CA SER A 35 -14.41 11.29 15.13
C SER A 35 -13.43 12.45 15.25
N ARG A 36 -12.74 12.76 14.16
CA ARG A 36 -11.77 13.85 14.15
C ARG A 36 -12.31 15.05 13.39
N ARG A 37 -13.20 14.79 12.44
CA ARG A 37 -13.78 15.84 11.63
C ARG A 37 -14.38 16.94 12.50
N ALA A 38 -14.81 16.57 13.71
CA ALA A 38 -15.40 17.52 14.65
C ALA A 38 -14.30 18.24 15.44
N SER B 1 -0.71 -15.00 -23.86
CA SER B 1 -1.97 -14.74 -24.54
C SER B 1 -3.14 -15.29 -23.75
N PRO B 2 -3.42 -14.67 -22.59
CA PRO B 2 -4.51 -15.08 -21.72
C PRO B 2 -5.89 -14.76 -22.32
N PRO B 3 -6.94 -15.32 -21.70
CA PRO B 3 -8.32 -15.12 -22.16
C PRO B 3 -8.80 -13.69 -21.92
N VAL B 4 -8.60 -13.20 -20.70
CA VAL B 4 -9.01 -11.86 -20.33
C VAL B 4 -7.95 -11.16 -19.50
N SER B 5 -6.69 -11.42 -19.80
CA SER B 5 -5.57 -10.83 -19.07
C SER B 5 -5.58 -11.29 -17.61
N ARG B 6 -5.43 -12.59 -17.40
CA ARG B 6 -5.41 -13.15 -16.06
C ARG B 6 -3.99 -13.49 -15.63
N GLY B 7 -3.87 -14.21 -14.52
CA GLY B 7 -2.57 -14.59 -14.01
C GLY B 7 -2.35 -14.16 -12.58
N LEU B 8 -3.43 -14.08 -11.81
CA LEU B 8 -3.35 -13.66 -10.41
C LEU B 8 -2.95 -14.83 -9.52
N THR B 9 -2.18 -14.54 -8.49
CA THR B 9 -1.72 -15.56 -7.55
C THR B 9 -1.57 -15.00 -6.14
N GLY B 10 -1.51 -15.89 -5.16
CA GLY B 10 -1.37 -15.46 -3.77
C GLY B 10 -0.07 -14.73 -3.53
N GLY B 11 0.86 -14.84 -4.47
CA GLY B 11 2.15 -14.18 -4.33
C GLY B 11 2.16 -12.80 -4.94
N GLU B 12 0.98 -12.18 -5.02
CA GLU B 12 0.86 -10.85 -5.59
C GLU B 12 0.11 -9.92 -4.64
N ILE B 13 -0.90 -10.45 -3.97
CA ILE B 13 -1.69 -9.68 -3.02
C ILE B 13 -0.86 -9.29 -1.80
N VAL B 14 0.16 -10.09 -1.52
CA VAL B 14 1.04 -9.83 -0.38
C VAL B 14 1.68 -8.46 -0.47
N ALA B 15 1.91 -8.00 -1.71
CA ALA B 15 2.53 -6.71 -1.95
C ALA B 15 1.57 -5.57 -1.58
N VAL B 16 0.30 -5.76 -1.90
CA VAL B 16 -0.73 -4.76 -1.62
C VAL B 16 -0.76 -4.42 -0.14
N ILE B 17 -1.09 -5.40 0.68
CA ILE B 17 -1.16 -5.21 2.13
C ILE B 17 0.17 -4.71 2.68
N PHE B 18 1.26 -5.19 2.09
CA PHE B 18 2.60 -4.80 2.53
C PHE B 18 2.76 -3.28 2.45
N GLY B 19 2.67 -2.74 1.24
CA GLY B 19 2.82 -1.30 1.06
C GLY B 19 1.64 -0.53 1.61
N LEU B 20 0.50 -1.20 1.76
CA LEU B 20 -0.70 -0.57 2.28
C LEU B 20 -0.53 -0.19 3.75
N LEU B 21 -0.31 -1.20 4.58
CA LEU B 21 -0.14 -0.98 6.01
C LEU B 21 1.18 -0.24 6.29
N LEU B 22 2.27 -0.79 5.78
CA LEU B 22 3.59 -0.18 5.96
C LEU B 22 3.62 1.23 5.38
N GLY B 23 2.79 1.47 4.38
CA GLY B 23 2.74 2.78 3.75
C GLY B 23 2.09 3.82 4.65
N ALA B 24 0.95 3.48 5.23
CA ALA B 24 0.23 4.39 6.10
C ALA B 24 1.04 4.69 7.36
N ALA B 25 1.48 3.64 8.04
CA ALA B 25 2.26 3.79 9.25
C ALA B 25 3.52 4.61 9.00
N LEU B 26 4.25 4.28 7.94
CA LEU B 26 5.47 4.98 7.59
C LEU B 26 5.16 6.43 7.19
N LEU B 27 4.34 6.60 6.17
CA LEU B 27 3.96 7.92 5.69
C LEU B 27 3.46 8.79 6.84
N LEU B 28 2.41 8.34 7.51
CA LEU B 28 1.83 9.07 8.62
C LEU B 28 2.91 9.45 9.64
N GLY B 29 3.87 8.55 9.84
CA GLY B 29 4.94 8.81 10.78
C GLY B 29 5.77 10.02 10.40
N ILE B 30 6.27 10.04 9.17
CA ILE B 30 7.08 11.15 8.69
C ILE B 30 6.25 12.43 8.60
N LEU B 31 4.99 12.29 8.20
CA LEU B 31 4.10 13.43 8.08
C LEU B 31 3.96 14.17 9.41
N VAL B 32 3.92 13.41 10.49
CA VAL B 32 3.81 13.99 11.83
C VAL B 32 5.15 14.50 12.32
N PHE B 33 6.18 13.68 12.19
CA PHE B 33 7.52 14.06 12.62
C PHE B 33 8.03 15.26 11.84
N ARG B 34 7.40 15.54 10.71
CA ARG B 34 7.79 16.66 9.87
C ARG B 34 7.80 17.96 10.67
N SER B 35 6.61 18.36 11.13
CA SER B 35 6.48 19.59 11.91
C SER B 35 5.22 19.56 12.78
N ARG B 36 4.73 18.35 13.04
CA ARG B 36 3.53 18.18 13.85
C ARG B 36 3.87 17.56 15.21
N ARG B 37 5.15 17.54 15.53
CA ARG B 37 5.61 16.97 16.80
C ARG B 37 5.01 17.73 17.99
N ALA B 38 4.95 17.06 19.13
CA ALA B 38 4.39 17.67 20.34
C ALA B 38 4.58 16.76 21.55
N SER A 1 21.18 -20.03 -5.41
CA SER A 1 19.93 -20.04 -6.16
C SER A 1 18.75 -19.72 -5.26
N PRO A 2 17.63 -19.30 -5.88
CA PRO A 2 16.41 -18.96 -5.16
C PRO A 2 15.73 -20.18 -4.53
N PRO A 3 14.75 -19.94 -3.64
CA PRO A 3 14.01 -20.99 -2.97
C PRO A 3 13.09 -21.76 -3.91
N VAL A 4 12.31 -21.02 -4.69
CA VAL A 4 11.39 -21.63 -5.65
C VAL A 4 11.39 -20.88 -6.97
N SER A 5 10.42 -21.20 -7.83
CA SER A 5 10.31 -20.55 -9.13
C SER A 5 9.85 -19.10 -8.99
N ARG A 6 10.79 -18.20 -8.72
CA ARG A 6 10.48 -16.79 -8.56
C ARG A 6 10.42 -16.08 -9.91
N GLY A 7 10.15 -14.77 -9.88
CA GLY A 7 10.07 -14.01 -11.11
C GLY A 7 9.37 -12.68 -10.91
N LEU A 8 10.15 -11.61 -10.89
CA LEU A 8 9.60 -10.27 -10.71
C LEU A 8 9.39 -9.57 -12.05
N THR A 9 8.33 -8.76 -12.14
CA THR A 9 8.02 -8.04 -13.37
C THR A 9 7.37 -6.71 -13.06
N GLY A 10 7.34 -5.83 -14.06
CA GLY A 10 6.74 -4.52 -13.88
C GLY A 10 5.25 -4.60 -13.61
N GLY A 11 4.67 -5.77 -13.87
CA GLY A 11 3.25 -5.95 -13.65
C GLY A 11 2.93 -6.47 -12.27
N GLU A 12 3.84 -6.20 -11.32
CA GLU A 12 3.65 -6.64 -9.94
C GLU A 12 3.82 -5.48 -8.97
N ILE A 13 4.78 -4.61 -9.26
CA ILE A 13 5.04 -3.45 -8.41
C ILE A 13 3.87 -2.47 -8.45
N VAL A 14 3.11 -2.51 -9.53
CA VAL A 14 1.96 -1.63 -9.70
C VAL A 14 0.96 -1.82 -8.57
N ALA A 15 0.90 -3.03 -8.04
CA ALA A 15 -0.01 -3.34 -6.94
C ALA A 15 0.44 -2.69 -5.64
N VAL A 16 1.75 -2.57 -5.47
CA VAL A 16 2.31 -1.97 -4.26
C VAL A 16 1.91 -0.50 -4.15
N ILE A 17 2.39 0.31 -5.09
CA ILE A 17 2.08 1.73 -5.10
C ILE A 17 0.58 1.97 -5.08
N PHE A 18 -0.16 1.14 -5.80
CA PHE A 18 -1.61 1.25 -5.85
C PHE A 18 -2.21 1.28 -4.45
N GLY A 19 -2.04 0.18 -3.72
CA GLY A 19 -2.56 0.09 -2.37
C GLY A 19 -1.88 1.04 -1.42
N LEU A 20 -0.67 1.48 -1.79
CA LEU A 20 0.09 2.40 -0.95
C LEU A 20 -0.55 3.77 -0.91
N LEU A 21 -0.71 4.38 -2.09
CA LEU A 21 -1.31 5.70 -2.19
C LEU A 21 -2.79 5.66 -1.81
N LEU A 22 -3.53 4.75 -2.44
CA LEU A 22 -4.95 4.61 -2.18
C LEU A 22 -5.18 4.16 -0.74
N GLY A 23 -4.18 3.50 -0.15
CA GLY A 23 -4.31 3.04 1.21
C GLY A 23 -4.23 4.16 2.23
N ALA A 24 -3.28 5.07 2.02
CA ALA A 24 -3.11 6.21 2.92
C ALA A 24 -4.27 7.20 2.79
N ALA A 25 -4.59 7.56 1.56
CA ALA A 25 -5.68 8.49 1.30
C ALA A 25 -7.00 7.98 1.89
N LEU A 26 -7.34 6.74 1.58
CA LEU A 26 -8.56 6.13 2.08
C LEU A 26 -8.53 6.01 3.60
N LEU A 27 -7.53 5.31 4.11
CA LEU A 27 -7.38 5.12 5.55
C LEU A 27 -7.46 6.46 6.28
N LEU A 28 -6.54 7.36 5.95
CA LEU A 28 -6.49 8.68 6.57
C LEU A 28 -7.86 9.34 6.53
N GLY A 29 -8.58 9.14 5.42
CA GLY A 29 -9.90 9.73 5.28
C GLY A 29 -10.87 9.26 6.35
N ILE A 30 -11.00 7.94 6.48
CA ILE A 30 -11.90 7.37 7.47
C ILE A 30 -11.43 7.68 8.89
N LEU A 31 -10.12 7.68 9.09
CA LEU A 31 -9.54 7.97 10.39
C LEU A 31 -9.97 9.35 10.89
N VAL A 32 -10.04 10.30 9.97
CA VAL A 32 -10.43 11.66 10.30
C VAL A 32 -11.94 11.78 10.43
N PHE A 33 -12.66 11.24 9.46
CA PHE A 33 -14.11 11.29 9.45
C PHE A 33 -14.69 10.52 10.66
N ARG A 34 -13.85 9.68 11.26
CA ARG A 34 -14.27 8.90 12.41
C ARG A 34 -14.81 9.80 13.51
N SER A 35 -13.94 10.65 14.06
CA SER A 35 -14.34 11.55 15.12
C SER A 35 -13.39 12.76 15.20
N ARG A 36 -12.72 13.03 14.08
CA ARG A 36 -11.77 14.14 14.01
C ARG A 36 -12.31 15.24 13.10
N ARG A 37 -13.59 15.15 12.76
CA ARG A 37 -14.22 16.14 11.88
C ARG A 37 -14.18 17.53 12.51
N ALA A 38 -14.27 18.56 11.69
CA ALA A 38 -14.24 19.93 12.16
C ALA A 38 -12.91 20.26 12.81
N SER B 1 2.46 -20.49 -11.72
CA SER B 1 1.49 -20.29 -12.79
C SER B 1 0.11 -19.96 -12.21
N PRO B 2 -0.75 -19.37 -13.05
CA PRO B 2 -2.11 -18.99 -12.65
C PRO B 2 -3.00 -20.20 -12.43
N PRO B 3 -4.18 -19.97 -11.83
CA PRO B 3 -5.15 -21.03 -11.55
C PRO B 3 -5.80 -21.58 -12.81
N VAL B 4 -6.28 -20.68 -13.67
CA VAL B 4 -6.91 -21.07 -14.91
C VAL B 4 -6.80 -19.97 -15.96
N SER B 5 -5.60 -19.85 -16.55
CA SER B 5 -5.35 -18.84 -17.57
C SER B 5 -5.78 -17.46 -17.08
N ARG B 6 -5.67 -17.24 -15.78
CA ARG B 6 -6.05 -15.96 -15.18
C ARG B 6 -4.86 -15.02 -15.14
N GLY B 7 -3.93 -15.27 -14.22
CA GLY B 7 -2.76 -14.41 -14.11
C GLY B 7 -2.54 -13.93 -12.69
N LEU B 8 -3.59 -13.99 -11.87
CA LEU B 8 -3.50 -13.55 -10.49
C LEU B 8 -3.20 -14.73 -9.56
N THR B 9 -2.45 -14.46 -8.50
CA THR B 9 -2.08 -15.49 -7.53
C THR B 9 -1.94 -14.91 -6.14
N GLY B 10 -1.96 -15.78 -5.13
CA GLY B 10 -1.82 -15.34 -3.76
C GLY B 10 -0.47 -14.69 -3.48
N GLY B 11 0.47 -14.89 -4.40
CA GLY B 11 1.79 -14.31 -4.24
C GLY B 11 1.91 -12.93 -4.86
N GLU B 12 0.78 -12.25 -5.01
CA GLU B 12 0.76 -10.92 -5.60
C GLU B 12 0.04 -9.93 -4.70
N ILE B 13 -1.05 -10.39 -4.08
CA ILE B 13 -1.83 -9.54 -3.18
C ILE B 13 -1.04 -9.19 -1.93
N VAL B 14 -0.08 -10.04 -1.59
CA VAL B 14 0.76 -9.81 -0.41
C VAL B 14 1.49 -8.48 -0.51
N ALA B 15 1.79 -8.05 -1.72
CA ALA B 15 2.48 -6.79 -1.95
C ALA B 15 1.57 -5.60 -1.67
N VAL B 16 0.30 -5.73 -2.06
CA VAL B 16 -0.67 -4.66 -1.84
C VAL B 16 -0.78 -4.30 -0.37
N ILE B 17 -1.26 -5.24 0.44
CA ILE B 17 -1.40 -5.02 1.87
C ILE B 17 -0.09 -4.60 2.50
N PHE B 18 1.01 -5.19 2.03
CA PHE B 18 2.33 -4.87 2.55
C PHE B 18 2.56 -3.36 2.55
N GLY B 19 2.56 -2.76 1.36
CA GLY B 19 2.76 -1.33 1.25
C GLY B 19 1.61 -0.53 1.81
N LEU B 20 0.46 -1.17 1.95
CA LEU B 20 -0.73 -0.51 2.48
C LEU B 20 -0.54 -0.15 3.95
N LEU B 21 -0.24 -1.14 4.76
CA LEU B 21 -0.02 -0.94 6.19
C LEU B 21 1.29 -0.20 6.45
N LEU B 22 2.37 -0.73 5.89
CA LEU B 22 3.69 -0.13 6.05
C LEU B 22 3.73 1.28 5.46
N GLY B 23 2.87 1.51 4.47
CA GLY B 23 2.82 2.82 3.83
C GLY B 23 2.15 3.87 4.71
N ALA B 24 0.99 3.52 5.25
CA ALA B 24 0.26 4.45 6.11
C ALA B 24 1.06 4.77 7.37
N ALA B 25 1.51 3.74 8.07
CA ALA B 25 2.29 3.92 9.29
C ALA B 25 3.54 4.75 9.03
N LEU B 26 4.31 4.35 8.02
CA LEU B 26 5.53 5.06 7.66
C LEU B 26 5.23 6.50 7.24
N LEU B 27 4.41 6.65 6.21
CA LEU B 27 4.03 7.97 5.71
C LEU B 27 3.52 8.85 6.84
N LEU B 28 2.45 8.41 7.49
CA LEU B 28 1.86 9.16 8.60
C LEU B 28 2.93 9.54 9.62
N GLY B 29 3.88 8.64 9.84
CA GLY B 29 4.94 8.90 10.79
C GLY B 29 5.76 10.11 10.43
N ILE B 30 6.28 10.13 9.19
CA ILE B 30 7.09 11.25 8.72
C ILE B 30 6.27 12.52 8.62
N LEU B 31 5.02 12.37 8.21
CA LEU B 31 4.12 13.51 8.06
C LEU B 31 3.97 14.26 9.38
N VAL B 32 3.92 13.51 10.47
CA VAL B 32 3.78 14.09 11.80
C VAL B 32 5.11 14.62 12.31
N PHE B 33 6.15 13.79 12.20
CA PHE B 33 7.48 14.17 12.65
C PHE B 33 8.00 15.37 11.87
N ARG B 34 7.38 15.65 10.73
CA ARG B 34 7.78 16.76 9.89
C ARG B 34 7.77 18.07 10.68
N SER B 35 6.59 18.48 11.13
CA SER B 35 6.44 19.71 11.89
C SER B 35 5.16 19.68 12.72
N ARG B 36 4.67 18.48 13.00
CA ARG B 36 3.45 18.32 13.78
C ARG B 36 3.76 17.73 15.15
N ARG B 37 4.87 17.01 15.24
CA ARG B 37 5.28 16.39 16.50
C ARG B 37 5.32 17.42 17.62
N ALA B 38 5.60 18.67 17.27
CA ALA B 38 5.67 19.75 18.24
C ALA B 38 4.74 20.89 17.86
N SER A 1 5.77 -14.71 -15.26
CA SER A 1 6.71 -15.21 -16.26
C SER A 1 8.05 -14.50 -16.15
N PRO A 2 8.79 -14.79 -15.07
CA PRO A 2 10.11 -14.19 -14.83
C PRO A 2 11.16 -14.70 -15.81
N PRO A 3 12.32 -14.03 -15.82
CA PRO A 3 13.44 -14.39 -16.70
C PRO A 3 14.08 -15.71 -16.30
N VAL A 4 15.07 -15.63 -15.40
CA VAL A 4 15.77 -16.83 -14.93
C VAL A 4 16.50 -16.55 -13.62
N SER A 5 16.02 -15.57 -12.88
CA SER A 5 16.62 -15.20 -11.61
C SER A 5 15.76 -14.21 -10.85
N ARG A 6 15.29 -13.18 -11.56
CA ARG A 6 14.45 -12.15 -10.97
C ARG A 6 13.28 -12.78 -10.20
N GLY A 7 12.32 -13.33 -10.95
CA GLY A 7 11.17 -13.95 -10.33
C GLY A 7 9.95 -13.05 -10.33
N LEU A 8 10.18 -11.75 -10.49
CA LEU A 8 9.09 -10.78 -10.51
C LEU A 8 9.00 -10.10 -11.87
N THR A 9 8.03 -9.20 -12.02
CA THR A 9 7.83 -8.49 -13.26
C THR A 9 7.30 -7.07 -13.01
N GLY A 10 7.33 -6.24 -14.05
CA GLY A 10 6.85 -4.87 -13.92
C GLY A 10 5.36 -4.80 -13.64
N GLY A 11 4.66 -5.91 -13.89
CA GLY A 11 3.24 -5.95 -13.66
C GLY A 11 2.87 -6.41 -12.27
N GLU A 12 3.79 -6.22 -11.32
CA GLU A 12 3.58 -6.62 -9.95
C GLU A 12 3.78 -5.45 -9.00
N ILE A 13 4.76 -4.61 -9.30
CA ILE A 13 5.06 -3.45 -8.48
C ILE A 13 3.92 -2.44 -8.51
N VAL A 14 3.13 -2.47 -9.58
CA VAL A 14 2.00 -1.57 -9.73
C VAL A 14 1.01 -1.74 -8.58
N ALA A 15 0.92 -2.95 -8.06
CA ALA A 15 0.02 -3.25 -6.96
C ALA A 15 0.49 -2.61 -5.66
N VAL A 16 1.81 -2.58 -5.47
CA VAL A 16 2.40 -1.99 -4.27
C VAL A 16 2.00 -0.53 -4.13
N ILE A 17 2.46 0.30 -5.06
CA ILE A 17 2.15 1.73 -5.03
C ILE A 17 0.65 1.96 -4.99
N PHE A 18 -0.10 1.13 -5.72
CA PHE A 18 -1.55 1.25 -5.77
C PHE A 18 -2.15 1.27 -4.37
N GLY A 19 -1.96 0.18 -3.63
CA GLY A 19 -2.48 0.09 -2.28
C GLY A 19 -1.79 1.06 -1.33
N LEU A 20 -0.60 1.51 -1.71
CA LEU A 20 0.16 2.44 -0.89
C LEU A 20 -0.51 3.82 -0.85
N LEU A 21 -0.72 4.39 -2.03
CA LEU A 21 -1.36 5.70 -2.14
C LEU A 21 -2.84 5.61 -1.75
N LEU A 22 -3.56 4.72 -2.40
CA LEU A 22 -4.98 4.54 -2.12
C LEU A 22 -5.21 4.10 -0.68
N GLY A 23 -4.20 3.46 -0.09
CA GLY A 23 -4.30 3.00 1.28
C GLY A 23 -4.23 4.14 2.27
N ALA A 24 -3.25 5.02 2.10
CA ALA A 24 -3.08 6.16 2.99
C ALA A 24 -4.26 7.12 2.89
N ALA A 25 -4.61 7.48 1.66
CA ALA A 25 -5.72 8.39 1.42
C ALA A 25 -7.02 7.86 2.01
N LEU A 26 -7.40 6.66 1.59
CA LEU A 26 -8.62 6.02 2.07
C LEU A 26 -8.60 5.90 3.60
N LEU A 27 -7.57 5.24 4.12
CA LEU A 27 -7.43 5.06 5.56
C LEU A 27 -7.52 6.40 6.29
N LEU A 28 -6.56 7.28 6.02
CA LEU A 28 -6.53 8.59 6.64
C LEU A 28 -7.89 9.27 6.55
N GLY A 29 -8.59 9.03 5.45
CA GLY A 29 -9.90 9.63 5.27
C GLY A 29 -10.90 9.19 6.32
N ILE A 30 -11.06 7.88 6.47
CA ILE A 30 -11.98 7.33 7.46
C ILE A 30 -11.61 7.76 8.87
N LEU A 31 -10.31 7.77 9.15
CA LEU A 31 -9.81 8.17 10.46
C LEU A 31 -10.23 9.59 10.80
N VAL A 32 -10.21 10.46 9.80
CA VAL A 32 -10.59 11.86 9.99
C VAL A 32 -12.11 12.01 9.99
N PHE A 33 -12.77 11.29 9.08
CA PHE A 33 -14.23 11.36 8.98
C PHE A 33 -14.88 10.71 10.19
N ARG A 34 -14.13 9.89 10.91
CA ARG A 34 -14.64 9.21 12.10
C ARG A 34 -15.23 10.21 13.09
N SER A 35 -14.38 11.10 13.59
CA SER A 35 -14.81 12.11 14.54
C SER A 35 -13.91 13.33 14.50
N ARG A 36 -13.19 13.49 13.39
CA ARG A 36 -12.28 14.61 13.22
C ARG A 36 -12.77 15.54 12.11
N ARG A 37 -14.02 15.37 11.71
CA ARG A 37 -14.62 16.18 10.66
C ARG A 37 -14.64 17.66 11.06
N ALA A 38 -14.70 18.54 10.08
CA ALA A 38 -14.73 19.97 10.33
C ALA A 38 -13.47 20.44 11.05
N SER B 1 -1.55 -21.63 -10.65
CA SER B 1 -2.88 -22.19 -10.41
C SER B 1 -3.91 -21.09 -10.23
N PRO B 2 -4.22 -20.37 -11.31
CA PRO B 2 -5.19 -19.27 -11.30
C PRO B 2 -6.62 -19.78 -11.12
N PRO B 3 -7.54 -18.84 -10.83
CA PRO B 3 -8.97 -19.17 -10.63
C PRO B 3 -9.64 -19.60 -11.93
N VAL B 4 -9.46 -18.82 -12.99
CA VAL B 4 -10.06 -19.14 -14.28
C VAL B 4 -9.19 -18.62 -15.42
N SER B 5 -8.13 -19.36 -15.74
CA SER B 5 -7.22 -18.97 -16.81
C SER B 5 -6.75 -17.53 -16.63
N ARG B 6 -6.67 -17.10 -15.38
CA ARG B 6 -6.23 -15.73 -15.07
C ARG B 6 -4.74 -15.71 -14.73
N GLY B 7 -4.22 -14.51 -14.49
CA GLY B 7 -2.81 -14.37 -14.16
C GLY B 7 -2.60 -13.88 -12.74
N LEU B 8 -3.63 -14.00 -11.91
CA LEU B 8 -3.55 -13.56 -10.52
C LEU B 8 -3.24 -14.74 -9.60
N THR B 9 -2.48 -14.47 -8.54
CA THR B 9 -2.10 -15.49 -7.58
C THR B 9 -1.96 -14.92 -6.19
N GLY B 10 -1.96 -15.79 -5.19
CA GLY B 10 -1.82 -15.34 -3.80
C GLY B 10 -0.49 -14.68 -3.54
N GLY B 11 0.46 -14.87 -4.46
CA GLY B 11 1.77 -14.28 -4.30
C GLY B 11 1.87 -12.89 -4.93
N GLU B 12 0.74 -12.23 -5.06
CA GLU B 12 0.69 -10.89 -5.65
C GLU B 12 -0.03 -9.92 -4.73
N ILE B 13 -1.10 -10.39 -4.10
CA ILE B 13 -1.89 -9.55 -3.20
C ILE B 13 -1.09 -9.20 -1.95
N VAL B 14 -0.12 -10.03 -1.62
CA VAL B 14 0.73 -9.81 -0.45
C VAL B 14 1.44 -8.47 -0.54
N ALA B 15 1.73 -8.05 -1.76
CA ALA B 15 2.42 -6.77 -1.99
C ALA B 15 1.50 -5.60 -1.69
N VAL B 16 0.24 -5.72 -2.06
CA VAL B 16 -0.74 -4.67 -1.83
C VAL B 16 -0.83 -4.31 -0.35
N ILE B 17 -1.30 -5.27 0.45
CA ILE B 17 -1.44 -5.05 1.89
C ILE B 17 -0.11 -4.61 2.50
N PHE B 18 0.98 -5.20 2.02
CA PHE B 18 2.31 -4.86 2.52
C PHE B 18 2.53 -3.36 2.52
N GLY B 19 2.52 -2.76 1.33
CA GLY B 19 2.72 -1.33 1.22
C GLY B 19 1.57 -0.53 1.81
N LEU B 20 0.42 -1.19 1.96
CA LEU B 20 -0.76 -0.52 2.52
C LEU B 20 -0.55 -0.17 3.99
N LEU B 21 -0.20 -1.17 4.79
CA LEU B 21 0.04 -0.96 6.21
C LEU B 21 1.35 -0.23 6.44
N LEU B 22 2.43 -0.77 5.87
CA LEU B 22 3.75 -0.16 6.02
C LEU B 22 3.77 1.25 5.43
N GLY B 23 2.91 1.49 4.44
CA GLY B 23 2.85 2.79 3.81
C GLY B 23 2.20 3.83 4.71
N ALA B 24 1.03 3.50 5.25
CA ALA B 24 0.30 4.41 6.12
C ALA B 24 1.14 4.75 7.36
N ALA B 25 1.64 3.73 8.04
CA ALA B 25 2.45 3.92 9.23
C ALA B 25 3.66 4.80 8.94
N LEU B 26 4.48 4.37 7.99
CA LEU B 26 5.68 5.12 7.62
C LEU B 26 5.32 6.53 7.20
N LEU B 27 4.47 6.65 6.19
CA LEU B 27 4.05 7.96 5.69
C LEU B 27 3.55 8.84 6.82
N LEU B 28 2.48 8.40 7.47
CA LEU B 28 1.90 9.15 8.58
C LEU B 28 2.98 9.55 9.59
N GLY B 29 3.97 8.68 9.76
CA GLY B 29 5.05 8.95 10.69
C GLY B 29 5.84 10.19 10.32
N ILE B 30 6.35 10.22 9.08
CA ILE B 30 7.13 11.34 8.61
C ILE B 30 6.29 12.62 8.60
N LEU B 31 5.04 12.50 8.19
CA LEU B 31 4.13 13.64 8.14
C LEU B 31 4.00 14.30 9.52
N VAL B 32 3.97 13.48 10.56
CA VAL B 32 3.85 13.98 11.92
C VAL B 32 5.19 14.46 12.44
N PHE B 33 6.24 13.68 12.19
CA PHE B 33 7.58 14.03 12.64
C PHE B 33 8.09 15.28 11.93
N ARG B 34 7.46 15.61 10.81
CA ARG B 34 7.84 16.78 10.03
C ARG B 34 7.85 18.03 10.90
N SER B 35 6.68 18.39 11.41
CA SER B 35 6.55 19.57 12.27
C SER B 35 5.31 19.48 13.14
N ARG B 36 4.84 18.26 13.36
CA ARG B 36 3.65 18.04 14.18
C ARG B 36 4.02 17.32 15.48
N ARG B 37 5.31 17.29 15.79
CA ARG B 37 5.79 16.63 17.01
C ARG B 37 5.21 17.31 18.25
N ALA B 38 5.17 16.56 19.35
CA ALA B 38 4.65 17.09 20.60
C ALA B 38 3.17 17.45 20.47
N SER A 1 15.43 -7.89 -8.95
CA SER A 1 15.35 -9.33 -9.19
C SER A 1 14.53 -10.01 -8.09
N PRO A 2 14.04 -11.22 -8.39
CA PRO A 2 13.24 -12.01 -7.44
C PRO A 2 14.07 -12.52 -6.28
N PRO A 3 13.38 -13.01 -5.23
CA PRO A 3 14.02 -13.54 -4.03
C PRO A 3 14.75 -14.86 -4.30
N VAL A 4 14.03 -15.81 -4.87
CA VAL A 4 14.59 -17.12 -5.19
C VAL A 4 13.64 -17.94 -6.03
N SER A 5 14.10 -18.33 -7.23
CA SER A 5 13.27 -19.12 -8.14
C SER A 5 12.19 -18.26 -8.79
N ARG A 6 11.39 -17.61 -7.95
CA ARG A 6 10.31 -16.76 -8.45
C ARG A 6 10.84 -15.76 -9.47
N GLY A 7 9.93 -15.05 -10.13
CA GLY A 7 10.31 -14.07 -11.12
C GLY A 7 9.46 -12.82 -11.07
N LEU A 8 10.02 -11.74 -10.55
CA LEU A 8 9.30 -10.48 -10.45
C LEU A 8 9.16 -9.81 -11.82
N THR A 9 8.18 -8.93 -11.95
CA THR A 9 7.94 -8.22 -13.20
C THR A 9 7.38 -6.84 -12.95
N GLY A 10 7.33 -6.02 -14.00
CA GLY A 10 6.80 -4.67 -13.87
C GLY A 10 5.31 -4.65 -13.58
N GLY A 11 4.66 -5.79 -13.80
CA GLY A 11 3.22 -5.87 -13.55
C GLY A 11 2.91 -6.33 -12.15
N GLU A 12 3.83 -6.10 -11.22
CA GLU A 12 3.65 -6.50 -9.83
C GLU A 12 3.81 -5.30 -8.90
N ILE A 13 4.74 -4.41 -9.24
CA ILE A 13 4.99 -3.23 -8.43
C ILE A 13 3.79 -2.29 -8.46
N VAL A 14 3.01 -2.36 -9.52
CA VAL A 14 1.83 -1.52 -9.68
C VAL A 14 0.86 -1.72 -8.51
N ALA A 15 0.84 -2.93 -7.96
CA ALA A 15 -0.04 -3.24 -6.85
C ALA A 15 0.41 -2.54 -5.58
N VAL A 16 1.72 -2.47 -5.37
CA VAL A 16 2.28 -1.83 -4.20
C VAL A 16 1.86 -0.37 -4.11
N ILE A 17 2.27 0.41 -5.10
CA ILE A 17 1.93 1.83 -5.14
C ILE A 17 0.42 2.05 -5.09
N PHE A 18 -0.31 1.11 -5.69
CA PHE A 18 -1.77 1.18 -5.72
C PHE A 18 -2.34 1.24 -4.30
N GLY A 19 -2.13 0.16 -3.54
CA GLY A 19 -2.63 0.10 -2.18
C GLY A 19 -1.89 1.04 -1.25
N LEU A 20 -0.68 1.43 -1.66
CA LEU A 20 0.14 2.34 -0.85
C LEU A 20 -0.48 3.73 -0.80
N LEU A 21 -0.59 4.37 -1.96
CA LEU A 21 -1.16 5.71 -2.05
C LEU A 21 -2.65 5.69 -1.72
N LEU A 22 -3.38 4.83 -2.42
CA LEU A 22 -4.82 4.70 -2.20
C LEU A 22 -5.12 4.30 -0.76
N GLY A 23 -4.20 3.57 -0.15
CA GLY A 23 -4.38 3.13 1.22
C GLY A 23 -4.31 4.28 2.21
N ALA A 24 -3.28 5.11 2.06
CA ALA A 24 -3.09 6.26 2.96
C ALA A 24 -4.24 7.24 2.82
N ALA A 25 -4.54 7.62 1.57
CA ALA A 25 -5.62 8.58 1.31
C ALA A 25 -6.94 8.08 1.88
N LEU A 26 -7.27 6.83 1.57
CA LEU A 26 -8.52 6.23 2.06
C LEU A 26 -8.50 6.10 3.57
N LEU A 27 -7.52 5.38 4.09
CA LEU A 27 -7.40 5.19 5.54
C LEU A 27 -7.46 6.51 6.28
N LEU A 28 -6.54 7.42 5.95
CA LEU A 28 -6.48 8.73 6.59
C LEU A 28 -7.85 9.41 6.53
N GLY A 29 -8.55 9.22 5.43
CA GLY A 29 -9.86 9.82 5.26
C GLY A 29 -10.85 9.35 6.32
N ILE A 30 -11.00 8.03 6.43
CA ILE A 30 -11.92 7.45 7.42
C ILE A 30 -11.47 7.76 8.84
N LEU A 31 -10.15 7.75 9.06
CA LEU A 31 -9.59 8.03 10.37
C LEU A 31 -10.00 9.41 10.86
N VAL A 32 -10.06 10.36 9.93
CA VAL A 32 -10.44 11.74 10.25
C VAL A 32 -11.96 11.87 10.39
N PHE A 33 -12.67 11.31 9.42
CA PHE A 33 -14.14 11.37 9.42
C PHE A 33 -14.70 10.65 10.64
N ARG A 34 -13.89 9.77 11.24
CA ARG A 34 -14.32 9.02 12.41
C ARG A 34 -14.85 9.96 13.49
N SER A 35 -13.97 10.81 14.01
CA SER A 35 -14.34 11.75 15.06
C SER A 35 -13.37 12.93 15.10
N ARG A 36 -12.70 13.17 13.98
CA ARG A 36 -11.73 14.27 13.89
C ARG A 36 -12.23 15.35 12.94
N ARG A 37 -13.51 15.27 12.58
CA ARG A 37 -14.10 16.25 11.66
C ARG A 37 -14.03 17.66 12.25
N ALA A 38 -14.15 18.66 11.38
CA ALA A 38 -14.10 20.05 11.82
C ALA A 38 -15.40 20.77 11.50
N SER B 1 3.10 -19.95 -12.40
CA SER B 1 2.16 -20.99 -12.77
C SER B 1 0.74 -20.64 -12.34
N PRO B 2 0.14 -19.66 -13.03
CA PRO B 2 -1.21 -19.19 -12.73
C PRO B 2 -2.27 -20.22 -13.10
N PRO B 3 -3.51 -20.00 -12.63
CA PRO B 3 -4.63 -20.91 -12.89
C PRO B 3 -5.08 -20.86 -14.35
N VAL B 4 -6.30 -21.31 -14.60
CA VAL B 4 -6.85 -21.31 -15.95
C VAL B 4 -6.69 -19.95 -16.61
N SER B 5 -5.64 -19.81 -17.42
CA SER B 5 -5.38 -18.56 -18.11
C SER B 5 -5.83 -17.37 -17.28
N ARG B 6 -4.98 -16.95 -16.34
CA ARG B 6 -5.29 -15.82 -15.47
C ARG B 6 -4.09 -14.89 -15.34
N GLY B 7 -3.12 -15.29 -14.52
CA GLY B 7 -1.94 -14.49 -14.33
C GLY B 7 -1.79 -14.01 -12.88
N LEU B 8 -2.88 -14.08 -12.13
CA LEU B 8 -2.87 -13.65 -10.73
C LEU B 8 -2.56 -14.81 -9.81
N THR B 9 -1.85 -14.53 -8.72
CA THR B 9 -1.49 -15.57 -7.75
C THR B 9 -1.41 -14.99 -6.34
N GLY B 10 -1.43 -15.87 -5.35
CA GLY B 10 -1.36 -15.44 -3.96
C GLY B 10 -0.05 -14.74 -3.64
N GLY B 11 0.93 -14.89 -4.53
CA GLY B 11 2.22 -14.27 -4.31
C GLY B 11 2.31 -12.89 -4.92
N GLU B 12 1.17 -12.25 -5.09
CA GLU B 12 1.12 -10.91 -5.68
C GLU B 12 0.33 -9.96 -4.79
N ILE B 13 -0.75 -10.45 -4.21
CA ILE B 13 -1.60 -9.65 -3.32
C ILE B 13 -0.85 -9.27 -2.04
N VAL B 14 0.14 -10.08 -1.69
CA VAL B 14 0.93 -9.83 -0.50
C VAL B 14 1.61 -8.47 -0.55
N ALA B 15 1.92 -8.02 -1.77
CA ALA B 15 2.57 -6.74 -1.97
C ALA B 15 1.61 -5.59 -1.70
N VAL B 16 0.33 -5.82 -1.93
CA VAL B 16 -0.70 -4.81 -1.71
C VAL B 16 -0.81 -4.46 -0.23
N ILE B 17 -1.25 -5.43 0.56
CA ILE B 17 -1.42 -5.24 2.00
C ILE B 17 -0.11 -4.76 2.63
N PHE B 18 1.00 -5.31 2.17
CA PHE B 18 2.31 -4.94 2.69
C PHE B 18 2.52 -3.43 2.63
N GLY B 19 2.54 -2.90 1.41
CA GLY B 19 2.73 -1.47 1.23
C GLY B 19 1.57 -0.66 1.77
N LEU B 20 0.42 -1.30 1.96
CA LEU B 20 -0.76 -0.64 2.48
C LEU B 20 -0.58 -0.27 3.95
N LEU B 21 -0.32 -1.27 4.78
CA LEU B 21 -0.12 -1.05 6.21
C LEU B 21 1.17 -0.30 6.47
N LEU B 22 2.28 -0.80 5.93
CA LEU B 22 3.58 -0.18 6.10
C LEU B 22 3.60 1.21 5.48
N GLY B 23 2.77 1.42 4.46
CA GLY B 23 2.69 2.71 3.81
C GLY B 23 2.07 3.77 4.68
N ALA B 24 0.92 3.46 5.28
CA ALA B 24 0.21 4.39 6.13
C ALA B 24 1.03 4.70 7.39
N ALA B 25 1.48 3.66 8.07
CA ALA B 25 2.27 3.82 9.28
C ALA B 25 3.52 4.64 9.01
N LEU B 26 4.25 4.29 7.96
CA LEU B 26 5.47 5.00 7.59
C LEU B 26 5.16 6.43 7.16
N LEU B 27 4.32 6.57 6.14
CA LEU B 27 3.94 7.88 5.65
C LEU B 27 3.46 8.78 6.77
N LEU B 28 2.41 8.34 7.47
CA LEU B 28 1.84 9.10 8.58
C LEU B 28 2.93 9.51 9.57
N GLY B 29 3.89 8.61 9.79
CA GLY B 29 4.97 8.89 10.71
C GLY B 29 5.79 10.10 10.28
N ILE B 30 6.28 10.07 9.04
CA ILE B 30 7.09 11.17 8.52
C ILE B 30 6.27 12.45 8.41
N LEU B 31 5.00 12.31 8.04
CA LEU B 31 4.10 13.45 7.90
C LEU B 31 3.99 14.21 9.22
N VAL B 32 3.97 13.47 10.32
CA VAL B 32 3.86 14.08 11.64
C VAL B 32 5.22 14.62 12.12
N PHE B 33 6.25 13.79 11.96
CA PHE B 33 7.59 14.19 12.37
C PHE B 33 8.09 15.37 11.55
N ARG B 34 7.45 15.61 10.41
CA ARG B 34 7.82 16.72 9.54
C ARG B 34 7.82 18.04 10.29
N SER B 35 6.64 18.44 10.77
CA SER B 35 6.49 19.69 11.50
C SER B 35 5.23 19.66 12.37
N ARG B 36 4.76 18.46 12.69
CA ARG B 36 3.56 18.30 13.50
C ARG B 36 3.92 17.82 14.90
N ARG B 37 5.07 17.17 15.03
CA ARG B 37 5.53 16.65 16.31
C ARG B 37 5.62 17.77 17.35
N ALA B 38 5.37 17.43 18.60
CA ALA B 38 5.43 18.41 19.69
C ALA B 38 6.79 19.10 19.73
N SER A 1 21.71 -1.71 -17.27
CA SER A 1 21.32 -3.11 -17.33
C SER A 1 20.95 -3.63 -15.94
N PRO A 2 20.21 -4.74 -15.91
CA PRO A 2 19.77 -5.37 -14.66
C PRO A 2 20.93 -6.01 -13.90
N PRO A 3 20.66 -6.40 -12.64
CA PRO A 3 21.68 -7.03 -11.79
C PRO A 3 22.03 -8.43 -12.25
N VAL A 4 21.25 -8.96 -13.19
CA VAL A 4 21.49 -10.30 -13.73
C VAL A 4 21.18 -11.37 -12.69
N SER A 5 20.25 -11.07 -11.80
CA SER A 5 19.85 -12.00 -10.75
C SER A 5 18.42 -11.72 -10.27
N ARG A 6 17.66 -11.04 -11.12
CA ARG A 6 16.27 -10.70 -10.79
C ARG A 6 15.32 -11.83 -11.20
N GLY A 7 14.12 -11.81 -10.65
CA GLY A 7 13.14 -12.83 -10.97
C GLY A 7 11.72 -12.34 -10.84
N LEU A 8 11.55 -11.02 -10.83
CA LEU A 8 10.23 -10.41 -10.71
C LEU A 8 9.83 -9.71 -12.00
N THR A 9 8.62 -9.16 -12.02
CA THR A 9 8.12 -8.45 -13.20
C THR A 9 7.62 -7.06 -12.83
N GLY A 10 7.41 -6.23 -13.84
CA GLY A 10 6.94 -4.88 -13.60
C GLY A 10 5.43 -4.81 -13.39
N GLY A 11 4.77 -5.97 -13.51
CA GLY A 11 3.33 -6.02 -13.33
C GLY A 11 2.94 -6.36 -11.90
N GLU A 12 3.89 -6.21 -10.98
CA GLU A 12 3.64 -6.51 -9.57
C GLU A 12 3.74 -5.24 -8.73
N ILE A 13 4.76 -4.43 -9.00
CA ILE A 13 4.96 -3.18 -8.27
C ILE A 13 3.74 -2.27 -8.38
N VAL A 14 2.97 -2.46 -9.44
CA VAL A 14 1.77 -1.66 -9.67
C VAL A 14 0.79 -1.80 -8.52
N ALA A 15 0.74 -2.99 -7.93
CA ALA A 15 -0.15 -3.26 -6.80
C ALA A 15 0.33 -2.55 -5.54
N VAL A 16 1.65 -2.45 -5.38
CA VAL A 16 2.22 -1.80 -4.22
C VAL A 16 1.82 -0.33 -4.15
N ILE A 17 2.27 0.45 -5.13
CA ILE A 17 1.94 1.86 -5.18
C ILE A 17 0.44 2.09 -5.15
N PHE A 18 -0.31 1.20 -5.81
CA PHE A 18 -1.76 1.30 -5.85
C PHE A 18 -2.35 1.34 -4.44
N GLY A 19 -2.15 0.26 -3.70
CA GLY A 19 -2.67 0.19 -2.34
C GLY A 19 -1.94 1.12 -1.40
N LEU A 20 -0.73 1.51 -1.77
CA LEU A 20 0.07 2.42 -0.95
C LEU A 20 -0.55 3.81 -0.90
N LEU A 21 -0.71 4.42 -2.06
CA LEU A 21 -1.29 5.76 -2.16
C LEU A 21 -2.78 5.73 -1.80
N LEU A 22 -3.53 4.86 -2.48
CA LEU A 22 -4.96 4.74 -2.24
C LEU A 22 -5.23 4.30 -0.79
N GLY A 23 -4.25 3.62 -0.20
CA GLY A 23 -4.41 3.16 1.17
C GLY A 23 -4.31 4.29 2.17
N ALA A 24 -3.28 5.13 2.03
CA ALA A 24 -3.09 6.26 2.93
C ALA A 24 -4.22 7.26 2.81
N ALA A 25 -4.50 7.68 1.58
CA ALA A 25 -5.57 8.64 1.32
C ALA A 25 -6.90 8.14 1.87
N LEU A 26 -7.23 6.90 1.54
CA LEU A 26 -8.48 6.30 1.99
C LEU A 26 -8.50 6.14 3.51
N LEU A 27 -7.53 5.40 4.03
CA LEU A 27 -7.43 5.17 5.47
C LEU A 27 -7.47 6.50 6.23
N LEU A 28 -6.53 7.39 5.93
CA LEU A 28 -6.47 8.69 6.59
C LEU A 28 -7.83 9.39 6.54
N GLY A 29 -8.53 9.23 5.41
CA GLY A 29 -9.83 9.85 5.26
C GLY A 29 -10.83 9.37 6.29
N ILE A 30 -10.99 8.06 6.39
CA ILE A 30 -11.93 7.47 7.34
C ILE A 30 -11.49 7.73 8.77
N LEU A 31 -10.18 7.69 8.99
CA LEU A 31 -9.62 7.92 10.32
C LEU A 31 -10.03 9.30 10.85
N VAL A 32 -10.06 10.29 9.95
CA VAL A 32 -10.43 11.64 10.33
C VAL A 32 -11.95 11.79 10.43
N PHE A 33 -12.65 11.30 9.41
CA PHE A 33 -14.11 11.37 9.38
C PHE A 33 -14.71 10.59 10.55
N ARG A 34 -13.91 9.71 11.14
CA ARG A 34 -14.37 8.91 12.27
C ARG A 34 -14.93 9.79 13.38
N SER A 35 -14.06 10.60 13.97
CA SER A 35 -14.46 11.49 15.06
C SER A 35 -13.48 12.66 15.19
N ARG A 36 -12.77 12.94 14.11
CA ARG A 36 -11.79 14.03 14.11
C ARG A 36 -12.27 15.19 13.24
N ARG A 37 -13.13 14.88 12.27
CA ARG A 37 -13.68 15.89 11.38
C ARG A 37 -14.26 17.05 12.16
N ALA A 38 -14.91 16.74 13.28
CA ALA A 38 -15.52 17.77 14.12
C ALA A 38 -14.92 17.76 15.51
N SER B 1 -11.30 -13.21 -12.89
CA SER B 1 -10.26 -13.30 -13.91
C SER B 1 -9.62 -11.94 -14.15
N PRO B 2 -8.41 -11.95 -14.74
CA PRO B 2 -7.68 -10.72 -15.03
C PRO B 2 -8.32 -9.91 -16.16
N PRO B 3 -7.85 -8.66 -16.33
CA PRO B 3 -8.37 -7.76 -17.37
C PRO B 3 -7.97 -8.21 -18.77
N VAL B 4 -6.69 -8.51 -18.95
CA VAL B 4 -6.18 -8.94 -20.25
C VAL B 4 -4.95 -9.82 -20.08
N SER B 5 -5.18 -11.08 -19.73
CA SER B 5 -4.08 -12.03 -19.55
C SER B 5 -3.03 -11.46 -18.60
N ARG B 6 -3.32 -11.52 -17.30
CA ARG B 6 -2.40 -11.00 -16.29
C ARG B 6 -1.96 -12.12 -15.34
N GLY B 7 -2.86 -13.07 -15.11
CA GLY B 7 -2.55 -14.17 -14.22
C GLY B 7 -2.33 -13.72 -12.79
N LEU B 8 -3.35 -13.91 -11.96
CA LEU B 8 -3.27 -13.51 -10.55
C LEU B 8 -2.89 -14.70 -9.67
N THR B 9 -2.13 -14.43 -8.62
CA THR B 9 -1.70 -15.47 -7.70
C THR B 9 -1.56 -14.93 -6.28
N GLY B 10 -1.51 -15.85 -5.31
CA GLY B 10 -1.37 -15.44 -3.93
C GLY B 10 -0.06 -14.73 -3.65
N GLY B 11 0.87 -14.85 -4.58
CA GLY B 11 2.17 -14.20 -4.41
C GLY B 11 2.20 -12.81 -5.00
N GLU B 12 1.03 -12.18 -5.10
CA GLU B 12 0.94 -10.83 -5.65
C GLU B 12 0.18 -9.91 -4.70
N ILE B 13 -0.86 -10.44 -4.07
CA ILE B 13 -1.68 -9.67 -3.13
C ILE B 13 -0.87 -9.32 -1.88
N VAL B 14 0.14 -10.12 -1.59
CA VAL B 14 0.99 -9.88 -0.43
C VAL B 14 1.65 -8.51 -0.49
N ALA B 15 1.90 -8.04 -1.71
CA ALA B 15 2.53 -6.74 -1.90
C ALA B 15 1.57 -5.61 -1.54
N VAL B 16 0.30 -5.79 -1.89
CA VAL B 16 -0.72 -4.79 -1.61
C VAL B 16 -0.77 -4.45 -0.11
N ILE B 17 -1.16 -5.43 0.69
CA ILE B 17 -1.24 -5.25 2.13
C ILE B 17 0.09 -4.78 2.71
N PHE B 18 1.19 -5.29 2.15
CA PHE B 18 2.52 -4.92 2.61
C PHE B 18 2.72 -3.41 2.54
N GLY B 19 2.65 -2.86 1.33
CA GLY B 19 2.83 -1.43 1.15
C GLY B 19 1.66 -0.64 1.70
N LEU B 20 0.52 -1.29 1.85
CA LEU B 20 -0.68 -0.63 2.37
C LEU B 20 -0.50 -0.27 3.84
N LEU B 21 -0.23 -1.27 4.67
CA LEU B 21 -0.04 -1.05 6.10
C LEU B 21 1.25 -0.31 6.37
N LEU B 22 2.36 -0.83 5.84
CA LEU B 22 3.66 -0.21 6.02
C LEU B 22 3.69 1.19 5.41
N GLY B 23 2.83 1.42 4.42
CA GLY B 23 2.77 2.72 3.78
C GLY B 23 2.12 3.77 4.66
N ALA B 24 0.97 3.44 5.24
CA ALA B 24 0.25 4.36 6.10
C ALA B 24 1.05 4.67 7.36
N ALA B 25 1.51 3.62 8.04
CA ALA B 25 2.29 3.77 9.26
C ALA B 25 3.54 4.61 9.01
N LEU B 26 4.27 4.26 7.96
CA LEU B 26 5.49 4.98 7.61
C LEU B 26 5.18 6.41 7.19
N LEU B 27 4.35 6.56 6.17
CA LEU B 27 3.97 7.88 5.67
C LEU B 27 3.46 8.77 6.81
N LEU B 28 2.42 8.30 7.48
CA LEU B 28 1.84 9.06 8.60
C LEU B 28 2.92 9.46 9.60
N GLY B 29 3.88 8.56 9.81
CA GLY B 29 4.96 8.85 10.75
C GLY B 29 5.78 10.06 10.35
N ILE B 30 6.27 10.05 9.11
CA ILE B 30 7.08 11.16 8.61
C ILE B 30 6.25 12.44 8.51
N LEU B 31 4.98 12.28 8.11
CA LEU B 31 4.09 13.43 7.98
C LEU B 31 3.96 14.18 9.31
N VAL B 32 3.93 13.43 10.41
CA VAL B 32 3.81 14.02 11.73
C VAL B 32 5.16 14.56 12.21
N PHE B 33 6.20 13.74 12.07
CA PHE B 33 7.53 14.13 12.49
C PHE B 33 8.03 15.34 11.69
N ARG B 34 7.40 15.58 10.55
CA ARG B 34 7.77 16.69 9.68
C ARG B 34 7.75 18.01 10.46
N SER B 35 6.57 18.40 10.93
CA SER B 35 6.42 19.64 11.67
C SER B 35 5.15 19.61 12.52
N ARG B 36 4.68 18.40 12.84
CA ARG B 36 3.48 18.23 13.63
C ARG B 36 3.82 17.74 15.03
N ARG B 37 4.95 17.06 15.16
CA ARG B 37 5.40 16.53 16.44
C ARG B 37 5.46 17.64 17.48
N ALA B 38 6.32 18.63 17.23
CA ALA B 38 6.47 19.75 18.15
C ALA B 38 5.41 20.82 17.91
N SER A 1 23.02 -18.28 -5.34
CA SER A 1 21.67 -17.78 -5.07
C SER A 1 21.52 -16.36 -5.58
N PRO A 2 20.26 -15.92 -5.77
CA PRO A 2 19.94 -14.58 -6.24
C PRO A 2 20.26 -13.50 -5.21
N PRO A 3 20.24 -12.23 -5.64
CA PRO A 3 20.51 -11.10 -4.77
C PRO A 3 19.41 -10.87 -3.74
N VAL A 4 18.17 -10.84 -4.21
CA VAL A 4 17.02 -10.64 -3.34
C VAL A 4 15.85 -11.53 -3.74
N SER A 5 16.16 -12.74 -4.19
CA SER A 5 15.14 -13.69 -4.61
C SER A 5 14.33 -13.13 -5.77
N ARG A 6 14.94 -13.07 -6.95
CA ARG A 6 14.28 -12.56 -8.14
C ARG A 6 13.05 -13.41 -8.48
N GLY A 7 12.49 -13.15 -9.65
CA GLY A 7 11.32 -13.90 -10.09
C GLY A 7 10.07 -13.04 -10.17
N LEU A 8 10.27 -11.73 -10.23
CA LEU A 8 9.16 -10.78 -10.30
C LEU A 8 9.12 -10.10 -11.67
N THR A 9 8.12 -9.24 -11.85
CA THR A 9 7.97 -8.51 -13.12
C THR A 9 7.44 -7.10 -12.88
N GLY A 10 7.48 -6.27 -13.91
CA GLY A 10 7.00 -4.92 -13.80
C GLY A 10 5.51 -4.84 -13.57
N GLY A 11 4.82 -5.95 -13.84
CA GLY A 11 3.38 -5.98 -13.66
C GLY A 11 2.98 -6.45 -12.27
N GLU A 12 3.88 -6.26 -11.30
CA GLU A 12 3.61 -6.67 -9.93
C GLU A 12 3.80 -5.49 -8.97
N ILE A 13 4.80 -4.66 -9.24
CA ILE A 13 5.09 -3.51 -8.41
C ILE A 13 3.95 -2.50 -8.46
N VAL A 14 3.18 -2.53 -9.54
CA VAL A 14 2.06 -1.62 -9.70
C VAL A 14 1.04 -1.79 -8.58
N ALA A 15 0.95 -3.01 -8.05
CA ALA A 15 0.02 -3.29 -6.97
C ALA A 15 0.47 -2.65 -5.66
N VAL A 16 1.79 -2.57 -5.48
CA VAL A 16 2.36 -1.98 -4.27
C VAL A 16 1.96 -0.51 -4.14
N ILE A 17 2.44 0.30 -5.08
CA ILE A 17 2.14 1.73 -5.07
C ILE A 17 0.63 1.98 -5.05
N PHE A 18 -0.11 1.14 -5.78
CA PHE A 18 -1.56 1.26 -5.84
C PHE A 18 -2.17 1.28 -4.44
N GLY A 19 -1.97 0.18 -3.70
CA GLY A 19 -2.51 0.09 -2.36
C GLY A 19 -1.81 1.05 -1.40
N LEU A 20 -0.61 1.48 -1.75
CA LEU A 20 0.15 2.40 -0.92
C LEU A 20 -0.50 3.78 -0.88
N LEU A 21 -0.66 4.38 -2.06
CA LEU A 21 -1.27 5.70 -2.16
C LEU A 21 -2.75 5.65 -1.77
N LEU A 22 -3.49 4.75 -2.41
CA LEU A 22 -4.91 4.59 -2.13
C LEU A 22 -5.14 4.15 -0.69
N GLY A 23 -4.14 3.50 -0.11
CA GLY A 23 -4.24 3.02 1.26
C GLY A 23 -4.17 4.15 2.26
N ALA A 24 -3.22 5.05 2.07
CA ALA A 24 -3.05 6.19 2.96
C ALA A 24 -4.21 7.18 2.84
N ALA A 25 -4.50 7.56 1.61
CA ALA A 25 -5.60 8.51 1.35
C ALA A 25 -6.91 7.98 1.91
N LEU A 26 -7.22 6.73 1.60
CA LEU A 26 -8.45 6.10 2.07
C LEU A 26 -8.46 5.97 3.59
N LEU A 27 -7.47 5.26 4.12
CA LEU A 27 -7.35 5.06 5.57
C LEU A 27 -7.42 6.39 6.30
N LEU A 28 -6.50 7.29 5.99
CA LEU A 28 -6.46 8.60 6.62
C LEU A 28 -7.83 9.28 6.56
N GLY A 29 -8.52 9.09 5.45
CA GLY A 29 -9.84 9.68 5.28
C GLY A 29 -10.82 9.21 6.33
N ILE A 30 -10.97 7.90 6.44
CA ILE A 30 -11.89 7.31 7.41
C ILE A 30 -11.44 7.59 8.84
N LEU A 31 -10.14 7.58 9.06
CA LEU A 31 -9.57 7.84 10.38
C LEU A 31 -10.00 9.22 10.88
N VAL A 32 -10.05 10.19 9.97
CA VAL A 32 -10.44 11.55 10.32
C VAL A 32 -11.95 11.68 10.43
N PHE A 33 -12.66 11.15 9.43
CA PHE A 33 -14.11 11.21 9.41
C PHE A 33 -14.70 10.43 10.60
N ARG A 34 -13.89 9.57 11.19
CA ARG A 34 -14.33 8.77 12.33
C ARG A 34 -14.87 9.66 13.44
N SER A 35 -13.99 10.48 14.01
CA SER A 35 -14.38 11.38 15.10
C SER A 35 -13.37 12.53 15.23
N ARG A 36 -12.68 12.83 14.14
CA ARG A 36 -11.69 13.90 14.13
C ARG A 36 -12.21 15.11 13.36
N ARG A 37 -13.05 14.85 12.37
CA ARG A 37 -13.62 15.93 11.56
C ARG A 37 -14.46 16.87 12.41
N ALA A 38 -14.63 18.11 11.94
CA ALA A 38 -15.40 19.11 12.66
C ALA A 38 -16.90 18.86 12.49
N SER B 1 -6.83 -19.78 -18.62
CA SER B 1 -7.43 -19.05 -19.73
C SER B 1 -7.72 -17.61 -19.35
N PRO B 2 -6.65 -16.82 -19.19
CA PRO B 2 -6.75 -15.40 -18.82
C PRO B 2 -7.33 -14.55 -19.95
N PRO B 3 -7.69 -13.30 -19.63
CA PRO B 3 -8.26 -12.37 -20.60
C PRO B 3 -7.23 -11.91 -21.63
N VAL B 4 -6.06 -11.48 -21.15
CA VAL B 4 -5.00 -11.02 -22.02
C VAL B 4 -3.62 -11.28 -21.41
N SER B 5 -3.17 -12.52 -21.52
CA SER B 5 -1.87 -12.91 -20.97
C SER B 5 -1.76 -12.49 -19.51
N ARG B 6 -2.88 -12.46 -18.81
CA ARG B 6 -2.91 -12.08 -17.40
C ARG B 6 -2.87 -13.31 -16.51
N GLY B 7 -2.83 -13.08 -15.20
CA GLY B 7 -2.79 -14.18 -14.26
C GLY B 7 -2.59 -13.71 -12.82
N LEU B 8 -3.65 -13.80 -12.02
CA LEU B 8 -3.58 -13.37 -10.63
C LEU B 8 -3.31 -14.56 -9.71
N THR B 9 -2.56 -14.31 -8.64
CA THR B 9 -2.22 -15.36 -7.68
C THR B 9 -2.08 -14.80 -6.27
N GLY B 10 -2.13 -15.67 -5.28
CA GLY B 10 -2.01 -15.25 -3.90
C GLY B 10 -0.66 -14.62 -3.60
N GLY B 11 0.30 -14.81 -4.51
CA GLY B 11 1.62 -14.25 -4.32
C GLY B 11 1.76 -12.87 -4.94
N GLU B 12 0.64 -12.17 -5.08
CA GLU B 12 0.64 -10.83 -5.66
C GLU B 12 -0.08 -9.84 -4.75
N ILE B 13 -1.18 -10.30 -4.14
CA ILE B 13 -1.95 -9.45 -3.25
C ILE B 13 -1.16 -9.12 -1.98
N VAL B 14 -0.21 -9.98 -1.65
CA VAL B 14 0.61 -9.77 -0.46
C VAL B 14 1.36 -8.44 -0.54
N ALA B 15 1.67 -8.02 -1.75
CA ALA B 15 2.38 -6.76 -1.96
C ALA B 15 1.48 -5.57 -1.66
N VAL B 16 0.22 -5.67 -2.06
CA VAL B 16 -0.75 -4.60 -1.84
C VAL B 16 -0.85 -4.26 -0.36
N ILE B 17 -1.35 -5.20 0.43
CA ILE B 17 -1.50 -5.00 1.86
C ILE B 17 -0.18 -4.58 2.51
N PHE B 18 0.91 -5.17 2.03
CA PHE B 18 2.23 -4.86 2.56
C PHE B 18 2.47 -3.35 2.57
N GLY B 19 2.48 -2.76 1.38
CA GLY B 19 2.70 -1.33 1.27
C GLY B 19 1.56 -0.53 1.84
N LEU B 20 0.41 -1.15 1.99
CA LEU B 20 -0.77 -0.49 2.53
C LEU B 20 -0.57 -0.13 3.99
N LEU B 21 -0.26 -1.13 4.80
CA LEU B 21 -0.04 -0.92 6.23
C LEU B 21 1.29 -0.22 6.48
N LEU B 22 2.36 -0.76 5.92
CA LEU B 22 3.69 -0.18 6.08
C LEU B 22 3.74 1.23 5.49
N GLY B 23 2.91 1.48 4.49
CA GLY B 23 2.87 2.79 3.86
C GLY B 23 2.22 3.83 4.74
N ALA B 24 1.04 3.50 5.28
CA ALA B 24 0.31 4.42 6.15
C ALA B 24 1.12 4.75 7.39
N ALA B 25 1.59 3.73 8.08
CA ALA B 25 2.38 3.91 9.29
C ALA B 25 3.61 4.77 9.02
N LEU B 26 4.40 4.38 8.04
CA LEU B 26 5.61 5.12 7.68
C LEU B 26 5.27 6.54 7.24
N LEU B 27 4.44 6.66 6.22
CA LEU B 27 4.03 7.97 5.71
C LEU B 27 3.52 8.85 6.84
N LEU B 28 2.46 8.40 7.50
CA LEU B 28 1.86 9.16 8.61
C LEU B 28 2.94 9.58 9.61
N GLY B 29 3.86 8.66 9.90
CA GLY B 29 4.91 8.96 10.84
C GLY B 29 5.72 10.18 10.45
N ILE B 30 6.22 10.20 9.22
CA ILE B 30 7.01 11.33 8.73
C ILE B 30 6.14 12.56 8.58
N LEU B 31 4.92 12.37 8.08
CA LEU B 31 3.98 13.48 7.89
C LEU B 31 3.82 14.29 9.17
N VAL B 32 3.87 13.60 10.31
CA VAL B 32 3.72 14.25 11.61
C VAL B 32 5.04 14.90 12.05
N PHE B 33 6.13 14.17 11.86
CA PHE B 33 7.45 14.67 12.24
C PHE B 33 7.88 15.82 11.32
N ARG B 34 7.14 16.01 10.24
CA ARG B 34 7.45 17.06 9.28
C ARG B 34 6.51 18.25 9.48
N SER B 35 5.22 18.03 9.26
CA SER B 35 4.23 19.08 9.40
C SER B 35 3.94 19.36 10.88
N ARG B 36 5.00 19.59 11.66
CA ARG B 36 4.86 19.86 13.08
C ARG B 36 5.18 21.31 13.39
N ARG B 37 5.99 21.93 12.54
CA ARG B 37 6.38 23.32 12.72
C ARG B 37 5.15 24.21 12.89
N ALA B 38 4.12 23.93 12.10
CA ALA B 38 2.88 24.70 12.16
C ALA B 38 1.66 23.80 11.98
N SER A 1 9.96 -9.72 0.46
CA SER A 1 11.00 -10.02 -0.53
C SER A 1 10.96 -11.49 -0.92
N PRO A 2 11.56 -11.80 -2.07
CA PRO A 2 11.62 -13.17 -2.60
C PRO A 2 12.53 -14.07 -1.77
N PRO A 3 12.43 -15.39 -2.00
CA PRO A 3 13.24 -16.38 -1.28
C PRO A 3 14.71 -16.32 -1.67
N VAL A 4 14.99 -16.42 -2.97
CA VAL A 4 16.35 -16.38 -3.48
C VAL A 4 16.36 -16.29 -5.01
N SER A 5 15.28 -15.77 -5.57
CA SER A 5 15.17 -15.63 -7.02
C SER A 5 13.78 -15.13 -7.41
N ARG A 6 12.82 -16.03 -7.42
CA ARG A 6 11.45 -15.69 -7.78
C ARG A 6 11.39 -14.98 -9.13
N GLY A 7 10.21 -14.54 -9.52
CA GLY A 7 10.06 -13.84 -10.78
C GLY A 7 9.34 -12.51 -10.65
N LEU A 8 10.11 -11.43 -10.65
CA LEU A 8 9.54 -10.09 -10.51
C LEU A 8 9.32 -9.45 -11.88
N THR A 9 8.26 -8.66 -11.99
CA THR A 9 7.94 -7.99 -13.24
C THR A 9 7.27 -6.64 -12.99
N GLY A 10 7.25 -5.79 -14.02
CA GLY A 10 6.63 -4.49 -13.88
C GLY A 10 5.14 -4.58 -13.62
N GLY A 11 4.56 -5.75 -13.83
CA GLY A 11 3.15 -5.94 -13.60
C GLY A 11 2.85 -6.41 -12.20
N GLU A 12 3.75 -6.10 -11.26
CA GLU A 12 3.57 -6.50 -9.87
C GLU A 12 3.72 -5.31 -8.94
N ILE A 13 4.70 -4.46 -9.23
CA ILE A 13 4.95 -3.27 -8.42
C ILE A 13 3.76 -2.31 -8.47
N VAL A 14 2.98 -2.40 -9.54
CA VAL A 14 1.81 -1.54 -9.70
C VAL A 14 0.83 -1.71 -8.56
N ALA A 15 0.80 -2.92 -8.00
CA ALA A 15 -0.10 -3.22 -6.88
C ALA A 15 0.37 -2.51 -5.61
N VAL A 16 1.68 -2.47 -5.41
CA VAL A 16 2.25 -1.82 -4.22
C VAL A 16 1.83 -0.35 -4.14
N ILE A 17 2.25 0.42 -5.14
CA ILE A 17 1.93 1.84 -5.19
C ILE A 17 0.41 2.06 -5.14
N PHE A 18 -0.33 1.15 -5.76
CA PHE A 18 -1.79 1.25 -5.79
C PHE A 18 -2.35 1.29 -4.37
N GLY A 19 -2.15 0.21 -3.63
CA GLY A 19 -2.65 0.14 -2.27
C GLY A 19 -1.90 1.07 -1.33
N LEU A 20 -0.69 1.46 -1.72
CA LEU A 20 0.13 2.35 -0.91
C LEU A 20 -0.48 3.75 -0.85
N LEU A 21 -0.57 4.40 -2.00
CA LEU A 21 -1.14 5.74 -2.08
C LEU A 21 -2.62 5.73 -1.76
N LEU A 22 -3.37 4.88 -2.45
CA LEU A 22 -4.81 4.76 -2.24
C LEU A 22 -5.10 4.35 -0.79
N GLY A 23 -4.18 3.61 -0.19
CA GLY A 23 -4.37 3.15 1.17
C GLY A 23 -4.29 4.29 2.17
N ALA A 24 -3.26 5.12 2.04
CA ALA A 24 -3.07 6.26 2.94
C ALA A 24 -4.22 7.25 2.80
N ALA A 25 -4.51 7.65 1.56
CA ALA A 25 -5.57 8.60 1.30
C ALA A 25 -6.91 8.10 1.85
N LEU A 26 -7.26 6.87 1.53
CA LEU A 26 -8.51 6.27 2.00
C LEU A 26 -8.50 6.12 3.52
N LEU A 27 -7.52 5.39 4.03
CA LEU A 27 -7.40 5.18 5.47
C LEU A 27 -7.46 6.50 6.22
N LEU A 28 -6.54 7.40 5.92
CA LEU A 28 -6.49 8.70 6.57
C LEU A 28 -7.85 9.38 6.52
N GLY A 29 -8.55 9.21 5.40
CA GLY A 29 -9.86 9.82 5.24
C GLY A 29 -10.85 9.34 6.29
N ILE A 30 -11.01 8.02 6.39
CA ILE A 30 -11.92 7.43 7.35
C ILE A 30 -11.47 7.71 8.79
N LEU A 31 -10.16 7.68 9.00
CA LEU A 31 -9.60 7.93 10.32
C LEU A 31 -10.02 9.31 10.84
N VAL A 32 -10.07 10.28 9.94
CA VAL A 32 -10.46 11.64 10.31
C VAL A 32 -11.97 11.76 10.41
N PHE A 33 -12.67 11.26 9.40
CA PHE A 33 -14.13 11.31 9.38
C PHE A 33 -14.72 10.54 10.54
N ARG A 34 -13.91 9.68 11.15
CA ARG A 34 -14.36 8.86 12.27
C ARG A 34 -14.92 9.75 13.39
N SER A 35 -14.06 10.57 13.98
CA SER A 35 -14.47 11.46 15.05
C SER A 35 -13.50 12.64 15.17
N ARG A 36 -12.79 12.93 14.10
CA ARG A 36 -11.83 14.03 14.09
C ARG A 36 -12.32 15.18 13.22
N ARG A 37 -13.18 14.86 12.26
CA ARG A 37 -13.73 15.87 11.36
C ARG A 37 -14.52 16.92 12.14
N ALA A 38 -14.65 18.10 11.55
CA ALA A 38 -15.38 19.19 12.19
C ALA A 38 -16.87 19.15 11.82
N SER B 1 -8.19 -2.69 -4.86
CA SER B 1 -8.97 -3.78 -5.42
C SER B 1 -8.58 -4.07 -6.86
N PRO B 2 -8.91 -5.27 -7.35
CA PRO B 2 -8.61 -5.69 -8.72
C PRO B 2 -9.43 -4.93 -9.75
N PRO B 3 -9.04 -5.06 -11.03
CA PRO B 3 -9.74 -4.41 -12.14
C PRO B 3 -11.12 -5.00 -12.39
N VAL B 4 -11.19 -6.32 -12.48
CA VAL B 4 -12.45 -7.01 -12.72
C VAL B 4 -12.41 -8.43 -12.17
N SER B 5 -12.40 -8.54 -10.84
CA SER B 5 -12.36 -9.85 -10.19
C SER B 5 -11.24 -10.71 -10.77
N ARG B 6 -10.04 -10.56 -10.21
CA ARG B 6 -8.89 -11.33 -10.67
C ARG B 6 -8.34 -12.21 -9.55
N GLY B 7 -7.16 -12.79 -9.78
CA GLY B 7 -6.55 -13.64 -8.78
C GLY B 7 -5.59 -14.64 -9.39
N LEU B 8 -4.42 -14.17 -9.79
CA LEU B 8 -3.40 -15.04 -10.39
C LEU B 8 -2.75 -15.93 -9.34
N THR B 9 -1.81 -15.36 -8.60
CA THR B 9 -1.11 -16.09 -7.55
C THR B 9 -1.21 -15.38 -6.21
N GLY B 10 -0.86 -16.10 -5.14
CA GLY B 10 -0.92 -15.52 -3.82
C GLY B 10 0.28 -14.66 -3.50
N GLY B 11 1.23 -14.61 -4.42
CA GLY B 11 2.44 -13.82 -4.22
C GLY B 11 2.30 -12.42 -4.78
N GLU B 12 1.07 -12.01 -5.05
CA GLU B 12 0.82 -10.68 -5.60
C GLU B 12 0.04 -9.82 -4.60
N ILE B 13 -0.91 -10.43 -3.92
CA ILE B 13 -1.71 -9.73 -2.93
C ILE B 13 -0.89 -9.32 -1.72
N VAL B 14 0.17 -10.09 -1.46
CA VAL B 14 1.05 -9.81 -0.33
C VAL B 14 1.73 -8.46 -0.48
N ALA B 15 1.94 -8.05 -1.73
CA ALA B 15 2.58 -6.76 -2.01
C ALA B 15 1.64 -5.60 -1.71
N VAL B 16 0.35 -5.82 -1.93
CA VAL B 16 -0.65 -4.79 -1.68
C VAL B 16 -0.75 -4.47 -0.19
N ILE B 17 -1.20 -5.46 0.59
CA ILE B 17 -1.35 -5.28 2.02
C ILE B 17 -0.05 -4.81 2.66
N PHE B 18 1.06 -5.33 2.16
CA PHE B 18 2.38 -4.96 2.68
C PHE B 18 2.58 -3.45 2.61
N GLY B 19 2.62 -2.91 1.39
CA GLY B 19 2.81 -1.49 1.20
C GLY B 19 1.66 -0.68 1.75
N LEU B 20 0.50 -1.32 1.91
CA LEU B 20 -0.69 -0.65 2.42
C LEU B 20 -0.50 -0.28 3.89
N LEU B 21 -0.26 -1.27 4.73
CA LEU B 21 -0.06 -1.05 6.16
C LEU B 21 1.24 -0.29 6.42
N LEU B 22 2.33 -0.81 5.89
CA LEU B 22 3.64 -0.18 6.06
C LEU B 22 3.66 1.21 5.44
N GLY B 23 2.79 1.42 4.45
CA GLY B 23 2.73 2.72 3.79
C GLY B 23 2.09 3.78 4.66
N ALA B 24 0.96 3.44 5.26
CA ALA B 24 0.25 4.37 6.12
C ALA B 24 1.05 4.69 7.39
N ALA B 25 1.49 3.64 8.07
CA ALA B 25 2.28 3.80 9.28
C ALA B 25 3.54 4.63 9.03
N LEU B 26 4.26 4.29 7.97
CA LEU B 26 5.49 5.00 7.61
C LEU B 26 5.17 6.43 7.19
N LEU B 27 4.35 6.57 6.17
CA LEU B 27 3.96 7.89 5.68
C LEU B 27 3.46 8.78 6.82
N LEU B 28 2.41 8.33 7.49
CA LEU B 28 1.84 9.08 8.60
C LEU B 28 2.92 9.48 9.60
N GLY B 29 3.88 8.59 9.83
CA GLY B 29 4.95 8.88 10.76
C GLY B 29 5.76 10.09 10.35
N ILE B 30 6.27 10.07 9.12
CA ILE B 30 7.07 11.18 8.60
C ILE B 30 6.24 12.46 8.51
N LEU B 31 4.98 12.30 8.11
CA LEU B 31 4.08 13.44 7.96
C LEU B 31 3.94 14.20 9.28
N VAL B 32 3.93 13.45 10.38
CA VAL B 32 3.80 14.06 11.71
C VAL B 32 5.14 14.61 12.18
N PHE B 33 6.19 13.81 12.04
CA PHE B 33 7.53 14.22 12.46
C PHE B 33 7.99 15.44 11.67
N ARG B 34 7.37 15.67 10.52
CA ARG B 34 7.71 16.80 9.68
C ARG B 34 7.67 18.11 10.48
N SER B 35 6.48 18.49 10.93
CA SER B 35 6.31 19.71 11.71
C SER B 35 5.06 19.64 12.57
N ARG B 36 4.61 18.42 12.85
CA ARG B 36 3.43 18.20 13.68
C ARG B 36 3.80 17.57 15.02
N ARG B 37 5.09 17.58 15.33
CA ARG B 37 5.58 17.00 16.57
C ARG B 37 4.94 17.70 17.78
N ALA B 38 5.39 17.33 18.97
CA ALA B 38 4.87 17.93 20.20
C ALA B 38 3.37 17.65 20.35
N SER A 1 14.28 -13.02 -9.30
CA SER A 1 15.26 -14.04 -8.95
C SER A 1 14.79 -14.87 -7.75
N PRO A 2 13.75 -15.69 -7.98
CA PRO A 2 13.18 -16.54 -6.93
C PRO A 2 14.12 -17.67 -6.52
N PRO A 3 13.83 -18.31 -5.38
CA PRO A 3 14.62 -19.41 -4.86
C PRO A 3 14.49 -20.67 -5.70
N VAL A 4 13.27 -21.15 -5.87
CA VAL A 4 13.01 -22.35 -6.65
C VAL A 4 11.51 -22.59 -6.81
N SER A 5 10.73 -21.51 -6.80
CA SER A 5 9.29 -21.61 -6.94
C SER A 5 8.68 -20.24 -7.25
N ARG A 6 8.98 -19.25 -6.42
CA ARG A 6 8.47 -17.90 -6.60
C ARG A 6 8.84 -17.37 -7.98
N GLY A 7 8.44 -16.13 -8.27
CA GLY A 7 8.73 -15.53 -9.55
C GLY A 7 7.76 -14.40 -9.88
N LEU A 8 8.25 -13.17 -9.79
CA LEU A 8 7.42 -12.01 -10.09
C LEU A 8 7.94 -11.28 -11.34
N THR A 9 7.24 -10.22 -11.73
CA THR A 9 7.62 -9.44 -12.90
C THR A 9 7.39 -7.96 -12.67
N GLY A 10 7.45 -7.18 -13.75
CA GLY A 10 7.24 -5.75 -13.65
C GLY A 10 5.78 -5.39 -13.43
N GLY A 11 4.89 -6.33 -13.73
CA GLY A 11 3.47 -6.09 -13.56
C GLY A 11 2.96 -6.52 -12.20
N GLU A 12 3.81 -6.36 -11.18
CA GLU A 12 3.43 -6.74 -9.83
C GLU A 12 3.66 -5.58 -8.86
N ILE A 13 4.68 -4.78 -9.13
CA ILE A 13 5.00 -3.64 -8.29
C ILE A 13 3.90 -2.59 -8.34
N VAL A 14 3.14 -2.57 -9.43
CA VAL A 14 2.05 -1.63 -9.60
C VAL A 14 1.03 -1.76 -8.47
N ALA A 15 0.91 -2.95 -7.92
CA ALA A 15 -0.03 -3.22 -6.83
C ALA A 15 0.46 -2.57 -5.53
N VAL A 16 1.78 -2.48 -5.38
CA VAL A 16 2.37 -1.89 -4.18
C VAL A 16 2.00 -0.42 -4.06
N ILE A 17 2.48 0.39 -5.00
CA ILE A 17 2.19 1.82 -4.99
C ILE A 17 0.70 2.08 -4.98
N PHE A 18 -0.05 1.26 -5.71
CA PHE A 18 -1.50 1.40 -5.79
C PHE A 18 -2.11 1.44 -4.39
N GLY A 19 -1.96 0.34 -3.65
CA GLY A 19 -2.51 0.27 -2.30
C GLY A 19 -1.81 1.22 -1.34
N LEU A 20 -0.61 1.65 -1.71
CA LEU A 20 0.16 2.57 -0.88
C LEU A 20 -0.48 3.95 -0.84
N LEU A 21 -0.68 4.53 -2.02
CA LEU A 21 -1.29 5.86 -2.13
C LEU A 21 -2.78 5.80 -1.78
N LEU A 22 -3.51 4.92 -2.44
CA LEU A 22 -4.93 4.76 -2.19
C LEU A 22 -5.20 4.32 -0.76
N GLY A 23 -4.21 3.64 -0.16
CA GLY A 23 -4.36 3.19 1.20
C GLY A 23 -4.27 4.31 2.21
N ALA A 24 -3.26 5.16 2.06
CA ALA A 24 -3.07 6.29 2.97
C ALA A 24 -4.22 7.28 2.86
N ALA A 25 -4.52 7.69 1.63
CA ALA A 25 -5.60 8.64 1.39
C ALA A 25 -6.93 8.11 1.93
N LEU A 26 -7.24 6.86 1.60
CA LEU A 26 -8.48 6.24 2.06
C LEU A 26 -8.48 6.07 3.58
N LEU A 27 -7.49 5.35 4.09
CA LEU A 27 -7.38 5.13 5.53
C LEU A 27 -7.45 6.44 6.30
N LEU A 28 -6.53 7.35 5.99
CA LEU A 28 -6.49 8.64 6.66
C LEU A 28 -7.86 9.32 6.62
N GLY A 29 -8.55 9.16 5.49
CA GLY A 29 -9.86 9.76 5.34
C GLY A 29 -10.86 9.26 6.38
N ILE A 30 -11.00 7.94 6.45
CA ILE A 30 -11.92 7.32 7.40
C ILE A 30 -11.48 7.60 8.84
N LEU A 31 -10.18 7.58 9.07
CA LEU A 31 -9.63 7.83 10.40
C LEU A 31 -10.05 9.19 10.93
N VAL A 32 -10.10 10.17 10.03
CA VAL A 32 -10.50 11.53 10.39
C VAL A 32 -12.01 11.65 10.50
N PHE A 33 -12.72 11.12 9.50
CA PHE A 33 -14.17 11.17 9.47
C PHE A 33 -14.76 10.38 10.64
N ARG A 34 -13.94 9.50 11.22
CA ARG A 34 -14.39 8.67 12.35
C ARG A 34 -14.93 9.55 13.48
N SER A 35 -14.06 10.37 14.05
CA SER A 35 -14.46 11.25 15.14
C SER A 35 -13.50 12.43 15.27
N ARG A 36 -12.81 12.74 14.18
CA ARG A 36 -11.86 13.84 14.17
C ARG A 36 -12.41 15.02 13.37
N ARG A 37 -13.29 14.74 12.43
CA ARG A 37 -13.88 15.77 11.60
C ARG A 37 -14.69 16.75 12.45
N ALA A 38 -14.87 17.96 11.93
CA ALA A 38 -15.62 18.99 12.64
C ALA A 38 -17.08 19.03 12.18
N SER B 1 -5.66 -23.59 -6.97
CA SER B 1 -5.95 -24.54 -8.03
C SER B 1 -6.99 -23.98 -8.99
N PRO B 2 -6.60 -22.97 -9.78
CA PRO B 2 -7.49 -22.33 -10.76
C PRO B 2 -7.82 -23.25 -11.93
N PRO B 3 -8.82 -22.85 -12.72
CA PRO B 3 -9.25 -23.62 -13.90
C PRO B 3 -8.22 -23.61 -15.02
N VAL B 4 -7.73 -22.41 -15.35
CA VAL B 4 -6.74 -22.26 -16.41
C VAL B 4 -5.81 -21.09 -16.13
N SER B 5 -5.02 -20.72 -17.12
CA SER B 5 -4.07 -19.62 -16.98
C SER B 5 -4.81 -18.32 -16.62
N ARG B 6 -4.46 -17.75 -15.47
CA ARG B 6 -5.09 -16.51 -15.02
C ARG B 6 -4.04 -15.43 -14.80
N GLY B 7 -2.82 -15.84 -14.46
CA GLY B 7 -1.75 -14.88 -14.24
C GLY B 7 -1.67 -14.44 -12.78
N LEU B 8 -2.82 -14.20 -12.18
CA LEU B 8 -2.88 -13.76 -10.78
C LEU B 8 -2.58 -14.93 -9.84
N THR B 9 -1.88 -14.64 -8.75
CA THR B 9 -1.52 -15.65 -7.77
C THR B 9 -1.50 -15.08 -6.36
N GLY B 10 -1.53 -15.96 -5.36
CA GLY B 10 -1.51 -15.51 -3.98
C GLY B 10 -0.23 -14.79 -3.62
N GLY B 11 0.79 -14.92 -4.47
CA GLY B 11 2.06 -14.26 -4.22
C GLY B 11 2.12 -12.88 -4.84
N GLU B 12 0.97 -12.26 -5.05
CA GLU B 12 0.91 -10.93 -5.63
C GLU B 12 0.12 -9.98 -4.74
N ILE B 13 -0.93 -10.49 -4.12
CA ILE B 13 -1.76 -9.68 -3.23
C ILE B 13 -1.00 -9.29 -1.97
N VAL B 14 -0.01 -10.10 -1.61
CA VAL B 14 0.81 -9.84 -0.43
C VAL B 14 1.50 -8.49 -0.53
N ALA B 15 1.81 -8.08 -1.75
CA ALA B 15 2.48 -6.80 -1.98
C ALA B 15 1.54 -5.63 -1.71
N VAL B 16 0.25 -5.82 -2.00
CA VAL B 16 -0.74 -4.78 -1.79
C VAL B 16 -0.84 -4.42 -0.31
N ILE B 17 -1.29 -5.36 0.50
CA ILE B 17 -1.42 -5.13 1.93
C ILE B 17 -0.11 -4.67 2.54
N PHE B 18 0.99 -5.23 2.06
CA PHE B 18 2.32 -4.87 2.56
C PHE B 18 2.52 -3.35 2.51
N GLY B 19 2.52 -2.81 1.30
CA GLY B 19 2.70 -1.37 1.14
C GLY B 19 1.55 -0.57 1.70
N LEU B 20 0.41 -1.22 1.89
CA LEU B 20 -0.77 -0.56 2.42
C LEU B 20 -0.58 -0.21 3.90
N LEU B 21 -0.28 -1.22 4.71
CA LEU B 21 -0.06 -1.02 6.14
C LEU B 21 1.24 -0.26 6.39
N LEU B 22 2.33 -0.78 5.84
CA LEU B 22 3.64 -0.15 6.00
C LEU B 22 3.65 1.24 5.41
N GLY B 23 2.80 1.47 4.41
CA GLY B 23 2.73 2.77 3.76
C GLY B 23 2.07 3.82 4.65
N ALA B 24 0.94 3.47 5.25
CA ALA B 24 0.22 4.39 6.12
C ALA B 24 1.03 4.70 7.37
N ALA B 25 1.51 3.66 8.04
CA ALA B 25 2.30 3.84 9.25
C ALA B 25 3.54 4.67 8.98
N LEU B 26 4.27 4.32 7.92
CA LEU B 26 5.48 5.05 7.55
C LEU B 26 5.16 6.48 7.14
N LEU B 27 4.31 6.62 6.12
CA LEU B 27 3.92 7.94 5.63
C LEU B 27 3.44 8.82 6.77
N LEU B 28 2.39 8.36 7.46
CA LEU B 28 1.83 9.11 8.58
C LEU B 28 2.92 9.52 9.57
N GLY B 29 3.89 8.63 9.77
CA GLY B 29 4.98 8.91 10.69
C GLY B 29 5.79 10.12 10.27
N ILE B 30 6.27 10.11 9.04
CA ILE B 30 7.06 11.23 8.51
C ILE B 30 6.23 12.51 8.43
N LEU B 31 4.96 12.36 8.06
CA LEU B 31 4.06 13.49 7.94
C LEU B 31 3.94 14.24 9.26
N VAL B 32 3.93 13.49 10.36
CA VAL B 32 3.83 14.08 11.69
C VAL B 32 5.18 14.62 12.15
N PHE B 33 6.22 13.81 11.99
CA PHE B 33 7.56 14.20 12.39
C PHE B 33 8.04 15.40 11.59
N ARG B 34 7.39 15.65 10.47
CA ARG B 34 7.75 16.77 9.61
C ARG B 34 7.75 18.08 10.39
N SER B 35 6.58 18.47 10.88
CA SER B 35 6.44 19.70 11.64
C SER B 35 5.21 19.66 12.53
N ARG B 36 4.75 18.45 12.84
CA ARG B 36 3.58 18.25 13.69
C ARG B 36 3.97 17.63 15.02
N ARG B 37 5.27 17.59 15.29
CA ARG B 37 5.78 17.02 16.53
C ARG B 37 5.22 17.76 17.74
N ALA B 38 4.87 19.02 17.54
CA ALA B 38 4.33 19.85 18.62
C ALA B 38 2.82 19.62 18.76
N SER A 1 10.41 -10.60 -19.27
CA SER A 1 11.51 -10.98 -18.39
C SER A 1 11.92 -9.82 -17.49
N PRO A 2 12.61 -10.14 -16.39
CA PRO A 2 13.07 -9.13 -15.43
C PRO A 2 14.18 -8.26 -16.00
N PRO A 3 14.49 -7.16 -15.29
CA PRO A 3 15.54 -6.22 -15.70
C PRO A 3 16.94 -6.83 -15.57
N VAL A 4 17.22 -7.42 -14.41
CA VAL A 4 18.53 -8.03 -14.16
C VAL A 4 18.37 -9.35 -13.41
N SER A 5 17.30 -10.08 -13.71
CA SER A 5 17.03 -11.36 -13.05
C SER A 5 16.86 -11.17 -11.54
N ARG A 6 15.73 -10.60 -11.16
CA ARG A 6 15.44 -10.36 -9.75
C ARG A 6 14.35 -11.31 -9.25
N GLY A 7 13.47 -11.72 -10.16
CA GLY A 7 12.39 -12.62 -9.80
C GLY A 7 11.03 -11.96 -9.89
N LEU A 8 11.02 -10.64 -9.96
CA LEU A 8 9.78 -9.88 -10.05
C LEU A 8 9.63 -9.25 -11.43
N THR A 9 8.51 -8.55 -11.64
CA THR A 9 8.24 -7.90 -12.91
C THR A 9 7.56 -6.55 -12.72
N GLY A 10 7.50 -5.75 -13.78
CA GLY A 10 6.88 -4.45 -13.70
C GLY A 10 5.39 -4.55 -13.43
N GLY A 11 4.82 -5.72 -13.63
CA GLY A 11 3.39 -5.92 -13.40
C GLY A 11 3.09 -6.37 -11.99
N GLU A 12 3.98 -6.04 -11.06
CA GLU A 12 3.80 -6.42 -9.66
C GLU A 12 3.90 -5.19 -8.75
N ILE A 13 4.81 -4.29 -9.08
CA ILE A 13 5.01 -3.08 -8.30
C ILE A 13 3.79 -2.17 -8.38
N VAL A 14 3.02 -2.31 -9.45
CA VAL A 14 1.82 -1.51 -9.65
C VAL A 14 0.83 -1.71 -8.51
N ALA A 15 0.85 -2.90 -7.92
CA ALA A 15 -0.06 -3.22 -6.83
C ALA A 15 0.38 -2.52 -5.54
N VAL A 16 1.69 -2.41 -5.35
CA VAL A 16 2.24 -1.76 -4.16
C VAL A 16 1.81 -0.30 -4.09
N ILE A 17 2.17 0.47 -5.12
CA ILE A 17 1.83 1.88 -5.17
C ILE A 17 0.31 2.08 -5.13
N PHE A 18 -0.42 1.16 -5.76
CA PHE A 18 -1.87 1.23 -5.80
C PHE A 18 -2.45 1.27 -4.38
N GLY A 19 -2.21 0.21 -3.62
CA GLY A 19 -2.70 0.14 -2.26
C GLY A 19 -1.98 1.09 -1.33
N LEU A 20 -0.77 1.48 -1.71
CA LEU A 20 0.03 2.39 -0.89
C LEU A 20 -0.60 3.79 -0.86
N LEU A 21 -0.77 4.39 -2.03
CA LEU A 21 -1.35 5.71 -2.13
C LEU A 21 -2.84 5.68 -1.78
N LEU A 22 -3.59 4.81 -2.45
CA LEU A 22 -5.02 4.68 -2.20
C LEU A 22 -5.29 4.26 -0.76
N GLY A 23 -4.31 3.58 -0.16
CA GLY A 23 -4.46 3.14 1.22
C GLY A 23 -4.36 4.28 2.21
N ALA A 24 -3.34 5.12 2.04
CA ALA A 24 -3.13 6.26 2.92
C ALA A 24 -4.26 7.27 2.81
N ALA A 25 -4.56 7.67 1.57
CA ALA A 25 -5.63 8.63 1.32
C ALA A 25 -6.96 8.13 1.87
N LEU A 26 -7.29 6.88 1.57
CA LEU A 26 -8.54 6.28 2.03
C LEU A 26 -8.55 6.14 3.55
N LEU A 27 -7.56 5.43 4.07
CA LEU A 27 -7.45 5.22 5.52
C LEU A 27 -7.50 6.54 6.27
N LEU A 28 -6.56 7.43 5.94
CA LEU A 28 -6.50 8.74 6.58
C LEU A 28 -7.85 9.44 6.53
N GLY A 29 -8.56 9.27 5.41
CA GLY A 29 -9.87 9.89 5.26
C GLY A 29 -10.86 9.42 6.30
N ILE A 30 -11.02 8.11 6.41
CA ILE A 30 -11.95 7.53 7.37
C ILE A 30 -11.50 7.83 8.80
N LEU A 31 -10.20 7.80 9.03
CA LEU A 31 -9.63 8.06 10.36
C LEU A 31 -10.03 9.45 10.84
N VAL A 32 -10.08 10.41 9.93
CA VAL A 32 -10.45 11.78 10.26
C VAL A 32 -11.96 11.93 10.37
N PHE A 33 -12.67 11.39 9.39
CA PHE A 33 -14.13 11.46 9.38
C PHE A 33 -14.72 10.69 10.55
N ARG A 34 -13.93 9.82 11.15
CA ARG A 34 -14.38 9.04 12.29
C ARG A 34 -14.90 9.93 13.41
N SER A 35 -14.02 10.76 13.96
CA SER A 35 -14.39 11.67 15.03
C SER A 35 -13.42 12.83 15.13
N ARG A 36 -12.73 13.11 14.03
CA ARG A 36 -11.75 14.20 13.98
C ARG A 36 -12.28 15.37 13.16
N ARG A 37 -13.21 15.08 12.25
CA ARG A 37 -13.79 16.11 11.40
C ARG A 37 -14.43 17.20 12.24
N ALA A 38 -14.84 16.86 13.46
CA ALA A 38 -15.47 17.81 14.35
C ALA A 38 -14.44 18.75 14.97
N SER B 1 -6.81 -1.97 -22.62
CA SER B 1 -5.86 -2.54 -21.67
C SER B 1 -6.39 -3.86 -21.11
N PRO B 2 -5.48 -4.67 -20.56
CA PRO B 2 -5.82 -5.97 -19.98
C PRO B 2 -6.62 -5.83 -18.69
N PRO B 3 -7.18 -6.95 -18.21
CA PRO B 3 -7.97 -6.98 -16.98
C PRO B 3 -7.12 -6.76 -15.73
N VAL B 4 -7.68 -7.11 -14.58
CA VAL B 4 -6.96 -6.95 -13.31
C VAL B 4 -6.81 -8.29 -12.59
N SER B 5 -7.28 -9.35 -13.24
CA SER B 5 -7.21 -10.69 -12.66
C SER B 5 -6.47 -11.65 -13.59
N ARG B 6 -5.69 -11.08 -14.50
CA ARG B 6 -4.93 -11.88 -15.45
C ARG B 6 -3.57 -12.28 -14.87
N GLY B 7 -3.28 -13.57 -14.90
CA GLY B 7 -2.02 -14.06 -14.37
C GLY B 7 -1.83 -13.73 -12.90
N LEU B 8 -2.94 -13.50 -12.21
CA LEU B 8 -2.90 -13.16 -10.79
C LEU B 8 -2.62 -14.40 -9.94
N THR B 9 -1.90 -14.21 -8.84
CA THR B 9 -1.56 -15.31 -7.94
C THR B 9 -1.47 -14.83 -6.50
N GLY B 10 -1.50 -15.78 -5.56
CA GLY B 10 -1.42 -15.43 -4.16
C GLY B 10 -0.10 -14.80 -3.80
N GLY B 11 0.89 -14.92 -4.70
CA GLY B 11 2.19 -14.35 -4.44
C GLY B 11 2.32 -12.93 -4.97
N GLU B 12 1.19 -12.24 -5.09
CA GLU B 12 1.18 -10.88 -5.59
C GLU B 12 0.41 -9.96 -4.65
N ILE B 13 -0.73 -10.45 -4.16
CA ILE B 13 -1.56 -9.67 -3.25
C ILE B 13 -0.80 -9.32 -1.97
N VAL B 14 0.23 -10.10 -1.67
CA VAL B 14 1.05 -9.87 -0.49
C VAL B 14 1.70 -8.50 -0.53
N ALA B 15 1.99 -8.02 -1.73
CA ALA B 15 2.61 -6.71 -1.90
C ALA B 15 1.64 -5.59 -1.57
N VAL B 16 0.36 -5.79 -1.90
CA VAL B 16 -0.66 -4.79 -1.65
C VAL B 16 -0.77 -4.49 -0.16
N ILE B 17 -1.18 -5.48 0.62
CA ILE B 17 -1.32 -5.33 2.06
C ILE B 17 -0.02 -4.83 2.69
N PHE B 18 1.10 -5.35 2.20
CA PHE B 18 2.41 -4.96 2.72
C PHE B 18 2.60 -3.44 2.62
N GLY B 19 2.58 -2.93 1.39
CA GLY B 19 2.75 -1.51 1.19
C GLY B 19 1.60 -0.70 1.74
N LEU B 20 0.46 -1.35 1.94
CA LEU B 20 -0.73 -0.69 2.47
C LEU B 20 -0.55 -0.33 3.94
N LEU B 21 -0.27 -1.33 4.76
CA LEU B 21 -0.07 -1.12 6.19
C LEU B 21 1.21 -0.32 6.45
N LEU B 22 2.33 -0.82 5.91
CA LEU B 22 3.61 -0.15 6.08
C LEU B 22 3.59 1.23 5.46
N GLY B 23 2.77 1.41 4.43
CA GLY B 23 2.68 2.70 3.76
C GLY B 23 2.06 3.76 4.64
N ALA B 24 0.89 3.45 5.21
CA ALA B 24 0.20 4.39 6.08
C ALA B 24 1.02 4.69 7.33
N ALA B 25 1.49 3.65 7.99
CA ALA B 25 2.28 3.81 9.21
C ALA B 25 3.53 4.64 8.94
N LEU B 26 4.32 4.23 7.96
CA LEU B 26 5.54 4.94 7.59
C LEU B 26 5.23 6.37 7.18
N LEU B 27 4.40 6.52 6.16
CA LEU B 27 4.01 7.84 5.67
C LEU B 27 3.52 8.73 6.82
N LEU B 28 2.46 8.30 7.48
CA LEU B 28 1.89 9.05 8.59
C LEU B 28 2.98 9.41 9.61
N GLY B 29 3.96 8.53 9.75
CA GLY B 29 5.04 8.77 10.69
C GLY B 29 5.87 9.98 10.32
N ILE B 30 6.40 9.98 9.11
CA ILE B 30 7.21 11.09 8.63
C ILE B 30 6.39 12.36 8.46
N LEU B 31 5.15 12.19 8.00
CA LEU B 31 4.25 13.33 7.81
C LEU B 31 4.05 14.09 9.11
N VAL B 32 3.94 13.35 10.21
CA VAL B 32 3.74 13.96 11.52
C VAL B 32 5.06 14.47 12.09
N PHE B 33 6.08 13.62 12.08
CA PHE B 33 7.39 13.99 12.60
C PHE B 33 7.92 15.25 11.91
N ARG B 34 7.37 15.53 10.73
CA ARG B 34 7.78 16.70 9.96
C ARG B 34 7.53 17.99 10.75
N SER B 35 6.25 18.31 10.95
CA SER B 35 5.88 19.52 11.68
C SER B 35 4.35 19.66 11.73
N ARG B 36 3.68 19.13 10.73
CA ARG B 36 2.22 19.20 10.67
C ARG B 36 1.74 20.65 10.66
N ARG B 37 2.65 21.56 10.31
CA ARG B 37 2.32 22.98 10.26
C ARG B 37 1.09 23.22 9.40
N ALA B 38 1.03 22.54 8.25
CA ALA B 38 -0.09 22.68 7.33
C ALA B 38 0.01 21.68 6.19
N SER A 1 5.51 -14.15 -1.53
CA SER A 1 6.89 -13.78 -1.80
C SER A 1 7.67 -14.96 -2.37
N PRO A 2 8.79 -14.66 -3.03
CA PRO A 2 9.66 -15.69 -3.63
C PRO A 2 10.38 -16.53 -2.59
N PRO A 3 10.98 -17.64 -3.03
CA PRO A 3 11.71 -18.55 -2.15
C PRO A 3 13.01 -17.94 -1.63
N VAL A 4 13.84 -17.47 -2.56
CA VAL A 4 15.12 -16.87 -2.21
C VAL A 4 15.77 -16.21 -3.42
N SER A 5 14.96 -15.83 -4.39
CA SER A 5 15.46 -15.20 -5.61
C SER A 5 14.32 -14.95 -6.60
N ARG A 6 13.98 -15.98 -7.36
CA ARG A 6 12.90 -15.88 -8.35
C ARG A 6 13.09 -14.63 -9.22
N GLY A 7 12.06 -14.30 -9.99
CA GLY A 7 12.13 -13.14 -10.85
C GLY A 7 10.79 -12.42 -10.98
N LEU A 8 10.68 -11.28 -10.32
CA LEU A 8 9.45 -10.50 -10.36
C LEU A 8 9.28 -9.80 -11.71
N THR A 9 8.27 -8.95 -11.82
CA THR A 9 8.01 -8.22 -13.05
C THR A 9 7.40 -6.84 -12.75
N GLY A 10 7.45 -5.96 -13.75
CA GLY A 10 6.90 -4.63 -13.58
C GLY A 10 5.40 -4.64 -13.37
N GLY A 11 4.77 -5.78 -13.64
CA GLY A 11 3.33 -5.90 -13.47
C GLY A 11 2.96 -6.39 -12.08
N GLU A 12 3.84 -6.17 -11.11
CA GLU A 12 3.59 -6.59 -9.74
C GLU A 12 3.77 -5.43 -8.77
N ILE A 13 4.79 -4.61 -9.02
CA ILE A 13 5.08 -3.47 -8.17
C ILE A 13 3.95 -2.44 -8.23
N VAL A 14 3.22 -2.46 -9.34
CA VAL A 14 2.11 -1.53 -9.53
C VAL A 14 1.08 -1.67 -8.42
N ALA A 15 0.96 -2.87 -7.88
CA ALA A 15 0.01 -3.15 -6.81
C ALA A 15 0.45 -2.50 -5.50
N VAL A 16 1.76 -2.51 -5.25
CA VAL A 16 2.31 -1.93 -4.04
C VAL A 16 1.94 -0.45 -3.93
N ILE A 17 2.46 0.35 -4.85
CA ILE A 17 2.18 1.78 -4.86
C ILE A 17 0.67 2.06 -4.88
N PHE A 18 -0.05 1.23 -5.62
CA PHE A 18 -1.50 1.38 -5.73
C PHE A 18 -2.13 1.47 -4.34
N GLY A 19 -2.01 0.40 -3.57
CA GLY A 19 -2.58 0.37 -2.24
C GLY A 19 -1.88 1.32 -1.29
N LEU A 20 -0.67 1.73 -1.65
CA LEU A 20 0.11 2.64 -0.82
C LEU A 20 -0.54 4.02 -0.77
N LEU A 21 -0.77 4.60 -1.96
CA LEU A 21 -1.39 5.92 -2.05
C LEU A 21 -2.88 5.84 -1.72
N LEU A 22 -3.58 4.96 -2.40
CA LEU A 22 -5.01 4.79 -2.19
C LEU A 22 -5.30 4.35 -0.75
N GLY A 23 -4.33 3.67 -0.14
CA GLY A 23 -4.50 3.22 1.23
C GLY A 23 -4.38 4.35 2.23
N ALA A 24 -3.35 5.17 2.08
CA ALA A 24 -3.13 6.29 2.99
C ALA A 24 -4.28 7.29 2.91
N ALA A 25 -4.61 7.72 1.70
CA ALA A 25 -5.69 8.68 1.49
C ALA A 25 -7.01 8.12 2.03
N LEU A 26 -7.36 6.91 1.62
CA LEU A 26 -8.59 6.28 2.07
C LEU A 26 -8.61 6.11 3.57
N LEU A 27 -7.62 5.38 4.09
CA LEU A 27 -7.51 5.14 5.53
C LEU A 27 -7.58 6.45 6.30
N LEU A 28 -6.62 7.33 6.04
CA LEU A 28 -6.57 8.63 6.71
C LEU A 28 -7.92 9.34 6.64
N GLY A 29 -8.61 9.18 5.51
CA GLY A 29 -9.90 9.81 5.33
C GLY A 29 -10.92 9.33 6.35
N ILE A 30 -11.09 8.03 6.45
CA ILE A 30 -12.04 7.45 7.39
C ILE A 30 -11.62 7.72 8.83
N LEU A 31 -10.32 7.67 9.08
CA LEU A 31 -9.78 7.92 10.41
C LEU A 31 -10.18 9.31 10.92
N VAL A 32 -10.19 10.27 10.01
CA VAL A 32 -10.56 11.65 10.35
C VAL A 32 -12.07 11.81 10.44
N PHE A 33 -12.78 11.28 9.45
CA PHE A 33 -14.24 11.36 9.43
C PHE A 33 -14.85 10.64 10.62
N ARG A 34 -14.07 9.73 11.21
CA ARG A 34 -14.54 8.96 12.36
C ARG A 34 -15.07 9.89 13.45
N SER A 35 -14.18 10.72 14.01
CA SER A 35 -14.56 11.64 15.06
C SER A 35 -13.57 12.80 15.15
N ARG A 36 -12.87 13.05 14.05
CA ARG A 36 -11.89 14.12 14.01
C ARG A 36 -12.34 15.23 13.05
N ARG A 37 -13.61 15.18 12.65
CA ARG A 37 -14.16 16.17 11.74
C ARG A 37 -14.07 17.57 12.36
N ALA A 38 -13.70 18.55 11.54
CA ALA A 38 -13.58 19.92 12.00
C ALA A 38 -12.53 20.05 13.09
N SER B 1 -13.50 -18.46 -6.36
CA SER B 1 -12.86 -18.21 -7.64
C SER B 1 -12.89 -16.73 -7.99
N PRO B 2 -12.01 -16.32 -8.91
CA PRO B 2 -11.92 -14.91 -9.36
C PRO B 2 -13.12 -14.48 -10.18
N PRO B 3 -13.24 -13.17 -10.41
CA PRO B 3 -14.35 -12.60 -11.18
C PRO B 3 -14.26 -12.95 -12.67
N VAL B 4 -13.08 -12.76 -13.25
CA VAL B 4 -12.88 -13.06 -14.66
C VAL B 4 -11.54 -13.74 -14.88
N SER B 5 -11.13 -13.85 -16.14
CA SER B 5 -9.86 -14.49 -16.49
C SER B 5 -8.69 -13.58 -16.17
N ARG B 6 -8.31 -13.52 -14.90
CA ARG B 6 -7.20 -12.69 -14.46
C ARG B 6 -5.87 -13.41 -14.64
N GLY B 7 -5.59 -14.36 -13.76
CA GLY B 7 -4.35 -15.12 -13.85
C GLY B 7 -3.39 -14.75 -12.75
N LEU B 8 -3.90 -14.13 -11.68
CA LEU B 8 -3.07 -13.72 -10.56
C LEU B 8 -2.77 -14.91 -9.64
N THR B 9 -2.05 -14.65 -8.55
CA THR B 9 -1.71 -15.69 -7.60
C THR B 9 -1.60 -15.12 -6.18
N GLY B 10 -1.64 -16.01 -5.19
CA GLY B 10 -1.53 -15.59 -3.81
C GLY B 10 -0.21 -14.92 -3.50
N GLY B 11 0.76 -15.10 -4.40
CA GLY B 11 2.07 -14.52 -4.20
C GLY B 11 2.19 -13.14 -4.81
N GLU B 12 1.06 -12.46 -4.97
CA GLU B 12 1.04 -11.12 -5.54
C GLU B 12 0.27 -10.15 -4.65
N ILE B 13 -0.86 -10.61 -4.13
CA ILE B 13 -1.69 -9.79 -3.26
C ILE B 13 -0.93 -9.40 -1.99
N VAL B 14 0.06 -10.20 -1.63
CA VAL B 14 0.86 -9.95 -0.44
C VAL B 14 1.54 -8.58 -0.51
N ALA B 15 1.85 -8.15 -1.74
CA ALA B 15 2.50 -6.86 -1.94
C ALA B 15 1.55 -5.71 -1.67
N VAL B 16 0.28 -5.90 -2.04
CA VAL B 16 -0.75 -4.88 -1.82
C VAL B 16 -0.84 -4.49 -0.36
N ILE B 17 -1.27 -5.43 0.47
CA ILE B 17 -1.40 -5.20 1.90
C ILE B 17 -0.09 -4.71 2.51
N PHE B 18 1.02 -5.29 2.04
CA PHE B 18 2.34 -4.92 2.53
C PHE B 18 2.55 -3.40 2.45
N GLY B 19 2.51 -2.87 1.23
CA GLY B 19 2.70 -1.44 1.04
C GLY B 19 1.56 -0.63 1.62
N LEU B 20 0.42 -1.27 1.82
CA LEU B 20 -0.76 -0.59 2.37
C LEU B 20 -0.54 -0.24 3.83
N LEU B 21 -0.24 -1.24 4.65
CA LEU B 21 -0.01 -1.03 6.07
C LEU B 21 1.29 -0.25 6.30
N LEU B 22 2.39 -0.76 5.73
CA LEU B 22 3.69 -0.11 5.87
C LEU B 22 3.67 1.28 5.25
N GLY B 23 2.78 1.48 4.29
CA GLY B 23 2.68 2.77 3.63
C GLY B 23 2.04 3.83 4.51
N ALA B 24 0.95 3.46 5.17
CA ALA B 24 0.24 4.38 6.05
C ALA B 24 1.07 4.71 7.28
N ALA B 25 1.56 3.67 7.96
CA ALA B 25 2.37 3.84 9.15
C ALA B 25 3.61 4.69 8.86
N LEU B 26 4.37 4.29 7.84
CA LEU B 26 5.58 5.02 7.46
C LEU B 26 5.25 6.46 7.09
N LEU B 27 4.40 6.62 6.08
CA LEU B 27 4.00 7.95 5.61
C LEU B 27 3.51 8.80 6.77
N LEU B 28 2.46 8.35 7.44
CA LEU B 28 1.90 9.07 8.57
C LEU B 28 2.98 9.43 9.58
N GLY B 29 3.99 8.56 9.70
CA GLY B 29 5.07 8.81 10.62
C GLY B 29 5.89 10.04 10.25
N ILE B 30 6.43 10.04 9.04
CA ILE B 30 7.24 11.17 8.57
C ILE B 30 6.39 12.43 8.46
N LEU B 31 5.16 12.28 7.98
CA LEU B 31 4.26 13.41 7.82
C LEU B 31 4.05 14.14 9.16
N VAL B 32 3.93 13.36 10.23
CA VAL B 32 3.74 13.93 11.56
C VAL B 32 5.06 14.41 12.14
N PHE B 33 6.07 13.56 12.08
CA PHE B 33 7.39 13.89 12.61
C PHE B 33 7.93 15.16 11.95
N ARG B 34 7.38 15.51 10.80
CA ARG B 34 7.81 16.70 10.07
C ARG B 34 7.61 17.95 10.91
N SER B 35 6.35 18.30 11.16
CA SER B 35 6.02 19.47 11.96
C SER B 35 4.52 19.66 12.08
N ARG B 36 3.79 19.18 11.07
CA ARG B 36 2.33 19.27 11.07
C ARG B 36 1.89 20.73 11.17
N ARG B 37 2.80 21.65 10.83
CA ARG B 37 2.50 23.08 10.88
C ARG B 37 1.30 23.42 10.00
N ALA B 38 0.62 24.50 10.32
CA ALA B 38 -0.55 24.94 9.56
C ALA B 38 -0.98 26.34 9.99
N SER A 1 8.85 -17.34 -1.44
CA SER A 1 8.85 -16.38 -2.54
C SER A 1 10.26 -16.19 -3.08
N PRO A 2 10.36 -15.67 -4.31
CA PRO A 2 11.65 -15.41 -4.97
C PRO A 2 12.42 -14.27 -4.32
N PRO A 3 13.69 -14.14 -4.68
CA PRO A 3 14.56 -13.08 -4.15
C PRO A 3 14.17 -11.70 -4.65
N VAL A 4 14.73 -11.31 -5.80
CA VAL A 4 14.43 -10.01 -6.39
C VAL A 4 14.81 -9.98 -7.87
N SER A 5 14.83 -11.16 -8.49
CA SER A 5 15.17 -11.27 -9.91
C SER A 5 14.86 -12.67 -10.43
N ARG A 6 13.75 -13.23 -9.98
CA ARG A 6 13.34 -14.56 -10.41
C ARG A 6 11.95 -14.52 -11.04
N GLY A 7 10.93 -14.38 -10.21
CA GLY A 7 9.56 -14.34 -10.72
C GLY A 7 8.94 -12.96 -10.58
N LEU A 8 9.79 -11.94 -10.45
CA LEU A 8 9.31 -10.57 -10.31
C LEU A 8 9.18 -9.90 -11.67
N THR A 9 8.17 -9.04 -11.80
CA THR A 9 7.94 -8.33 -13.05
C THR A 9 7.34 -6.96 -12.80
N GLY A 10 7.39 -6.09 -13.81
CA GLY A 10 6.86 -4.75 -13.68
C GLY A 10 5.35 -4.75 -13.45
N GLY A 11 4.72 -5.88 -13.71
CA GLY A 11 3.28 -5.99 -13.53
C GLY A 11 2.91 -6.46 -12.14
N GLU A 12 3.79 -6.23 -11.18
CA GLU A 12 3.55 -6.64 -9.80
C GLU A 12 3.72 -5.46 -8.84
N ILE A 13 4.73 -4.64 -9.11
CA ILE A 13 5.01 -3.47 -8.27
C ILE A 13 3.86 -2.46 -8.34
N VAL A 14 3.11 -2.50 -9.43
CA VAL A 14 1.99 -1.60 -9.62
C VAL A 14 0.97 -1.75 -8.49
N ALA A 15 0.87 -2.95 -7.95
CA ALA A 15 -0.06 -3.23 -6.86
C ALA A 15 0.38 -2.56 -5.57
N VAL A 16 1.69 -2.55 -5.34
CA VAL A 16 2.25 -1.93 -4.13
C VAL A 16 1.90 -0.46 -4.05
N ILE A 17 2.40 0.33 -5.00
CA ILE A 17 2.14 1.76 -5.03
C ILE A 17 0.64 2.04 -5.02
N PHE A 18 -0.12 1.20 -5.72
CA PHE A 18 -1.57 1.36 -5.78
C PHE A 18 -2.17 1.42 -4.37
N GLY A 19 -2.06 0.31 -3.64
CA GLY A 19 -2.60 0.25 -2.30
C GLY A 19 -1.88 1.19 -1.35
N LEU A 20 -0.68 1.62 -1.73
CA LEU A 20 0.11 2.52 -0.91
C LEU A 20 -0.51 3.91 -0.85
N LEU A 21 -0.69 4.51 -2.03
CA LEU A 21 -1.28 5.84 -2.12
C LEU A 21 -2.76 5.81 -1.77
N LEU A 22 -3.50 4.93 -2.43
CA LEU A 22 -4.93 4.78 -2.19
C LEU A 22 -5.19 4.35 -0.75
N GLY A 23 -4.23 3.65 -0.17
CA GLY A 23 -4.38 3.19 1.20
C GLY A 23 -4.29 4.32 2.21
N ALA A 24 -3.27 5.15 2.07
CA ALA A 24 -3.08 6.29 2.97
C ALA A 24 -4.23 7.29 2.85
N ALA A 25 -4.51 7.70 1.63
CA ALA A 25 -5.59 8.66 1.38
C ALA A 25 -6.92 8.14 1.91
N LEU A 26 -7.24 6.90 1.59
CA LEU A 26 -8.49 6.29 2.04
C LEU A 26 -8.49 6.12 3.56
N LEU A 27 -7.51 5.39 4.07
CA LEU A 27 -7.41 5.16 5.51
C LEU A 27 -7.47 6.48 6.28
N LEU A 28 -6.53 7.37 5.98
CA LEU A 28 -6.48 8.67 6.65
C LEU A 28 -7.85 9.36 6.61
N GLY A 29 -8.54 9.21 5.48
CA GLY A 29 -9.85 9.83 5.33
C GLY A 29 -10.84 9.33 6.36
N ILE A 30 -11.01 8.02 6.42
CA ILE A 30 -11.95 7.41 7.36
C ILE A 30 -11.50 7.65 8.80
N LEU A 31 -10.18 7.58 9.03
CA LEU A 31 -9.63 7.80 10.36
C LEU A 31 -10.01 9.18 10.90
N VAL A 32 -10.08 10.16 10.01
CA VAL A 32 -10.44 11.52 10.38
C VAL A 32 -11.95 11.67 10.53
N PHE A 33 -12.68 11.11 9.58
CA PHE A 33 -14.15 11.19 9.61
C PHE A 33 -14.71 10.41 10.80
N ARG A 34 -13.89 9.53 11.36
CA ARG A 34 -14.31 8.72 12.50
C ARG A 34 -14.20 9.53 13.80
N SER A 35 -12.98 9.70 14.29
CA SER A 35 -12.74 10.45 15.52
C SER A 35 -13.13 11.91 15.35
N ARG A 36 -12.68 12.52 14.26
CA ARG A 36 -12.99 13.91 13.97
C ARG A 36 -12.57 14.81 15.15
N ARG A 37 -11.61 14.33 15.93
CA ARG A 37 -11.13 15.08 17.08
C ARG A 37 -10.51 16.41 16.65
N ALA A 38 -10.50 17.38 17.56
CA ALA A 38 -9.94 18.69 17.27
C ALA A 38 -8.53 18.82 17.84
N SER B 1 -10.09 -3.72 -15.61
CA SER B 1 -9.98 -5.15 -15.86
C SER B 1 -8.75 -5.46 -16.71
N PRO B 2 -8.32 -6.74 -16.69
CA PRO B 2 -7.15 -7.19 -17.45
C PRO B 2 -7.43 -7.21 -18.95
N PRO B 3 -6.35 -7.39 -19.74
CA PRO B 3 -6.44 -7.43 -21.21
C PRO B 3 -7.13 -8.69 -21.70
N VAL B 4 -6.69 -9.84 -21.18
CA VAL B 4 -7.26 -11.11 -21.58
C VAL B 4 -7.44 -12.04 -20.37
N SER B 5 -7.72 -13.31 -20.64
CA SER B 5 -7.92 -14.29 -19.57
C SER B 5 -6.60 -14.56 -18.85
N ARG B 6 -6.30 -13.75 -17.85
CA ARG B 6 -5.07 -13.91 -17.08
C ARG B 6 -5.34 -14.69 -15.79
N GLY B 7 -4.29 -14.91 -15.01
CA GLY B 7 -4.43 -15.65 -13.77
C GLY B 7 -3.43 -15.20 -12.71
N LEU B 8 -3.94 -14.57 -11.66
CA LEU B 8 -3.08 -14.08 -10.58
C LEU B 8 -2.76 -15.21 -9.59
N THR B 9 -2.05 -14.86 -8.52
CA THR B 9 -1.68 -15.85 -7.51
C THR B 9 -1.61 -15.20 -6.13
N GLY B 10 -1.64 -16.03 -5.09
CA GLY B 10 -1.59 -15.53 -3.73
C GLY B 10 -0.28 -14.84 -3.42
N GLY B 11 0.71 -15.02 -4.30
CA GLY B 11 2.01 -14.40 -4.10
C GLY B 11 2.11 -13.04 -4.76
N GLU B 12 0.96 -12.40 -4.97
CA GLU B 12 0.93 -11.08 -5.60
C GLU B 12 0.17 -10.08 -4.73
N ILE B 13 -0.90 -10.56 -4.09
CA ILE B 13 -1.71 -9.70 -3.24
C ILE B 13 -0.94 -9.30 -1.97
N VAL B 14 0.01 -10.14 -1.58
CA VAL B 14 0.82 -9.87 -0.39
C VAL B 14 1.53 -8.53 -0.50
N ALA B 15 1.83 -8.13 -1.74
CA ALA B 15 2.51 -6.86 -1.98
C ALA B 15 1.58 -5.68 -1.72
N VAL B 16 0.30 -5.88 -2.00
CA VAL B 16 -0.70 -4.83 -1.80
C VAL B 16 -0.80 -4.45 -0.33
N ILE B 17 -1.25 -5.38 0.49
CA ILE B 17 -1.39 -5.14 1.92
C ILE B 17 -0.08 -4.67 2.53
N PHE B 18 1.02 -5.24 2.05
CA PHE B 18 2.34 -4.88 2.56
C PHE B 18 2.55 -3.37 2.51
N GLY B 19 2.54 -2.82 1.29
CA GLY B 19 2.73 -1.40 1.12
C GLY B 19 1.59 -0.58 1.69
N LEU B 20 0.44 -1.23 1.87
CA LEU B 20 -0.74 -0.57 2.42
C LEU B 20 -0.54 -0.21 3.88
N LEU B 21 -0.24 -1.22 4.69
CA LEU B 21 -0.02 -1.03 6.12
C LEU B 21 1.29 -0.26 6.37
N LEU B 22 2.38 -0.79 5.82
CA LEU B 22 3.69 -0.16 5.98
C LEU B 22 3.69 1.25 5.38
N GLY B 23 2.82 1.47 4.40
CA GLY B 23 2.74 2.77 3.75
C GLY B 23 2.09 3.82 4.64
N ALA B 24 0.96 3.47 5.23
CA ALA B 24 0.24 4.40 6.11
C ALA B 24 1.05 4.71 7.36
N ALA B 25 1.52 3.66 8.04
CA ALA B 25 2.32 3.82 9.25
C ALA B 25 3.56 4.66 8.98
N LEU B 26 4.29 4.32 7.92
CA LEU B 26 5.50 5.05 7.55
C LEU B 26 5.17 6.48 7.15
N LEU B 27 4.33 6.62 6.13
CA LEU B 27 3.93 7.94 5.65
C LEU B 27 3.44 8.81 6.79
N LEU B 28 2.41 8.36 7.48
CA LEU B 28 1.84 9.09 8.60
C LEU B 28 2.91 9.51 9.59
N GLY B 29 3.89 8.62 9.79
CA GLY B 29 4.97 8.90 10.71
C GLY B 29 5.78 10.13 10.31
N ILE B 30 6.26 10.12 9.07
CA ILE B 30 7.05 11.24 8.55
C ILE B 30 6.21 12.51 8.47
N LEU B 31 4.94 12.35 8.09
CA LEU B 31 4.03 13.48 7.98
C LEU B 31 3.92 14.23 9.30
N VAL B 32 3.91 13.48 10.39
CA VAL B 32 3.80 14.06 11.72
C VAL B 32 5.14 14.60 12.20
N PHE B 33 6.19 13.81 12.03
CA PHE B 33 7.53 14.21 12.43
C PHE B 33 8.00 15.42 11.64
N ARG B 34 7.36 15.66 10.50
CA ARG B 34 7.71 16.78 9.64
C ARG B 34 7.69 18.10 10.42
N SER B 35 6.50 18.46 10.90
CA SER B 35 6.34 19.70 11.66
C SER B 35 5.08 19.65 12.52
N ARG B 36 4.63 18.44 12.83
CA ARG B 36 3.44 18.26 13.65
C ARG B 36 3.81 17.75 15.04
N ARG B 37 5.10 17.59 15.28
CA ARG B 37 5.58 17.11 16.57
C ARG B 37 5.04 17.96 17.70
N ALA B 38 4.76 19.23 17.40
CA ALA B 38 4.23 20.16 18.39
C ALA B 38 5.17 20.29 19.58
#